data_8DTM
#
_entry.id   8DTM
#
_cell.length_a   1.00
_cell.length_b   1.00
_cell.length_c   1.00
_cell.angle_alpha   90.00
_cell.angle_beta   90.00
_cell.angle_gamma   90.00
#
_symmetry.space_group_name_H-M   'P 1'
#
loop_
_entity.id
_entity.type
_entity.pdbx_description
1 polymer 'Insulin receptor'
2 polymer 'Insulin mimetic peptide S597 component 2'
#
loop_
_entity_poly.entity_id
_entity_poly.type
_entity_poly.pdbx_seq_one_letter_code
_entity_poly.pdbx_strand_id
1 'polypeptide(L)'
;HLYPGEVCPGMDIRNNLTRLHELENCSVIEGHLQILLMFKTRPEDFRDLSFPKLIMITDYLLLFRVYGLESLKDLFPNLT
VIRGSRLFFNYALVIFEMVHLKELGLYNLMNITRGSVRIEKNNELCYLATIDWSRILDSVEDNYIVLNKDDNEECGDVCP
GTAKGKTNCPATVINGQFVERCWTHSHCQKVCPTICKSHGCTAEGLCCHKECLGNCSEPDDPTKCVACRNFYLDGQCVET
CPPPYYHFQDWRCVNFSFCQDLHFKCRNSRKPGCHQYVIHNNKCIPECPSGYTMNSSNLMCTPCLGPCPKVCQILEGEKT
IDSVTSAQELRGCTVINGSLIINIRGGNNLAAELEANLGLIEEISGFLKIRRSYALVSLSFFRKLHLIRGETLEIGNYSF
YALDNQNLRQLWDWSKHNLTITQGKLFFHYNPKLCLSEIHKMEEVSGTKGRQERNDIALKTNGDQASCENELLKFSFIRT
SFDKILLRWEPYWPPDFRDLLGFMLFYKEAPYQNVTEFDGQDACGSNSWTVVDIDPPQRSNDPKSQTPSHPGWLMRGLKP
WTQYAIFVKTLVTFSDERRTYGAKSDIIYVQTDATNPSVPLDPISVSNSSSQIILKWKPPSDPNGNITHYLVYWERQAED
SELFELDYCLKGLKLPSRTWSPPFESDDSQKHNQSEYDDSASECCSCPKTDSQILKELEESSFRKTFEDYLHNVVFVPRP
SRKRRSLEEVGNVTATTLTLPDFPNVSSTIVPTSQEEHRPFEKVVNKESLVISGLRHFTGYRIELQACNQDSPDERCSVA
AYVSARTMPEAKADDIVGPVTHEIFENNVVHLMWQEPKEPNGLIVLYEVSYRRYGDEELHLCVSRKHFALERGCRLRGLS
PGNYSVRVRATSLAGNGSWTEPTYFYVTDYLDVPSNIAKIIIGPLIFVFLFSVVIGSIYLFLRKRQPDGPMGPLYASSNP
EYLSASDVFPSSVYVPDEWEVPREKITLLRELGQGSFGMVYEGNAKDIIKGEAETRVAVKTVNESASLRERIEFLNEASV
MKGFTCHHVVRLLGVVSKGQPTLVVMELMAHGDLKSHLRSLRPDAENNPGRPPPTLQEMIQMTAEIADGMAYLNAKKFVH
RDLAARNCMVAHDFTVKIGDFGMTRDIYETDYYRKGGKGLLPVRWMSPESLKDGVFTASSDMWSFGVVLWEITSLAEQPY
QGLSNEQVLKFVMDGGYLDPPDNCPERLTDLMRMCWQFNPKMRPTFLEIVNLLKDDLHPSFPEVSFFYSEENKAPESEEL
EMEFEDMENVPLDRSSHCQREEAGGREGGSSLSIKRTYDEHIPYTHMNGGKKNGRVLTLPRSNPS
;
A,B
2 'polypeptide(L)' SLEEEWAQIECEVYGRGCPS C
#
# COMPACT_ATOMS: atom_id res chain seq x y z
N HIS A 1 -11.51 33.62 -5.41
CA HIS A 1 -11.04 33.04 -4.17
C HIS A 1 -11.55 31.61 -4.00
N LEU A 2 -11.58 31.16 -2.75
CA LEU A 2 -12.09 29.86 -2.32
C LEU A 2 -11.19 28.69 -2.69
N TYR A 3 -10.24 28.93 -3.60
CA TYR A 3 -9.21 27.98 -4.01
C TYR A 3 -8.13 28.74 -4.76
N PRO A 4 -7.32 29.55 -4.07
CA PRO A 4 -6.37 30.41 -4.80
C PRO A 4 -5.36 29.65 -5.64
N GLY A 5 -4.93 28.46 -5.20
CA GLY A 5 -3.92 27.71 -5.91
C GLY A 5 -4.48 26.90 -7.07
N GLU A 6 -3.57 26.15 -7.70
CA GLU A 6 -3.94 25.29 -8.81
C GLU A 6 -4.59 24.02 -8.28
N VAL A 7 -4.83 23.05 -9.16
CA VAL A 7 -5.46 21.78 -8.81
C VAL A 7 -4.51 20.67 -9.22
N CYS A 8 -3.79 20.10 -8.26
CA CYS A 8 -2.86 19.02 -8.56
C CYS A 8 -3.62 17.71 -8.81
N PRO A 9 -3.04 16.80 -9.58
CA PRO A 9 -3.58 15.44 -9.64
C PRO A 9 -3.00 14.56 -8.53
N GLY A 10 -3.67 13.44 -8.30
CA GLY A 10 -3.26 12.56 -7.22
C GLY A 10 -1.90 11.95 -7.50
N MET A 11 -1.16 11.67 -6.43
CA MET A 11 0.20 11.18 -6.59
C MET A 11 0.59 10.27 -5.44
N ASP A 12 1.58 9.42 -5.73
CA ASP A 12 2.21 8.55 -4.76
C ASP A 12 3.67 8.96 -4.63
N ILE A 13 4.15 9.10 -3.40
CA ILE A 13 5.51 9.56 -3.13
C ILE A 13 6.23 8.51 -2.31
N ARG A 14 7.42 8.14 -2.76
CA ARG A 14 8.19 7.05 -2.18
C ARG A 14 9.67 7.41 -2.18
N ASN A 15 10.33 7.12 -1.05
CA ASN A 15 11.78 6.98 -0.98
C ASN A 15 12.50 8.34 -1.07
N ASN A 16 11.78 9.42 -1.37
CA ASN A 16 12.43 10.70 -1.53
C ASN A 16 11.43 11.82 -1.27
N LEU A 17 11.97 13.02 -1.01
CA LEU A 17 11.18 14.20 -0.78
C LEU A 17 11.05 15.09 -2.00
N THR A 18 11.74 14.79 -3.09
CA THR A 18 11.77 15.70 -4.24
C THR A 18 10.39 15.89 -4.85
N ARG A 19 9.65 14.80 -5.03
CA ARG A 19 8.33 14.92 -5.64
C ARG A 19 7.34 15.62 -4.73
N LEU A 20 7.53 15.53 -3.42
CA LEU A 20 6.62 16.15 -2.47
C LEU A 20 6.57 17.67 -2.64
N HIS A 21 7.58 18.27 -3.27
CA HIS A 21 7.57 19.70 -3.49
C HIS A 21 6.66 20.11 -4.64
N GLU A 22 6.07 19.16 -5.35
CA GLU A 22 5.14 19.51 -6.44
C GLU A 22 3.83 20.08 -5.91
N LEU A 23 3.50 19.84 -4.65
CA LEU A 23 2.29 20.38 -4.04
C LEU A 23 2.48 21.79 -3.48
N GLU A 24 3.56 22.46 -3.87
CA GLU A 24 3.86 23.77 -3.29
C GLU A 24 2.79 24.80 -3.63
N ASN A 25 2.28 24.77 -4.86
CA ASN A 25 1.39 25.82 -5.35
C ASN A 25 -0.09 25.43 -5.30
N CYS A 26 -0.42 24.18 -5.58
CA CYS A 26 -1.82 23.80 -5.77
C CYS A 26 -2.59 23.76 -4.45
N SER A 27 -3.88 24.03 -4.54
CA SER A 27 -4.76 24.17 -3.39
C SER A 27 -5.58 22.93 -3.09
N VAL A 28 -6.06 22.24 -4.12
CA VAL A 28 -6.87 21.04 -3.95
C VAL A 28 -6.30 19.92 -4.81
N ILE A 29 -6.12 18.75 -4.22
CA ILE A 29 -5.63 17.58 -4.94
C ILE A 29 -6.82 16.86 -5.55
N GLU A 30 -6.85 16.80 -6.88
CA GLU A 30 -7.91 16.09 -7.59
C GLU A 30 -7.56 14.61 -7.72
N GLY A 31 -7.24 13.99 -6.60
CA GLY A 31 -6.80 12.62 -6.61
C GLY A 31 -6.43 12.17 -5.21
N HIS A 32 -5.84 10.98 -5.13
CA HIS A 32 -5.40 10.46 -3.84
C HIS A 32 -3.95 10.82 -3.59
N LEU A 33 -3.60 10.96 -2.31
CA LEU A 33 -2.25 11.28 -1.90
C LEU A 33 -1.71 10.10 -1.10
N GLN A 34 -0.61 9.51 -1.57
CA GLN A 34 0.05 8.42 -0.87
C GLN A 34 1.46 8.85 -0.51
N ILE A 35 1.85 8.61 0.73
CA ILE A 35 3.20 8.88 1.21
C ILE A 35 3.70 7.60 1.88
N LEU A 36 4.70 6.96 1.30
CA LEU A 36 5.05 5.66 1.83
C LEU A 36 6.49 5.29 1.51
N LEU A 37 7.06 4.43 2.35
CA LEU A 37 8.37 3.82 2.13
C LEU A 37 9.47 4.87 2.00
N MET A 38 9.67 5.61 3.09
CA MET A 38 10.71 6.64 3.18
C MET A 38 11.58 6.30 4.38
N PHE A 39 12.72 5.65 4.14
CA PHE A 39 13.53 5.09 5.21
C PHE A 39 14.66 6.00 5.67
N LYS A 40 15.33 6.69 4.74
CA LYS A 40 16.52 7.45 5.09
C LYS A 40 16.22 8.85 5.59
N THR A 41 14.95 9.26 5.63
CA THR A 41 14.60 10.59 6.08
C THR A 41 14.73 10.69 7.60
N ARG A 42 14.91 11.92 8.07
CA ARG A 42 15.10 12.21 9.48
C ARG A 42 14.26 13.42 9.85
N PRO A 43 13.97 13.60 11.15
CA PRO A 43 13.17 14.78 11.55
C PRO A 43 13.82 16.10 11.21
N GLU A 44 15.11 16.13 10.90
CA GLU A 44 15.74 17.34 10.41
C GLU A 44 15.28 17.71 9.00
N ASP A 45 14.61 16.79 8.30
CA ASP A 45 14.14 17.06 6.95
C ASP A 45 12.70 17.57 6.89
N PHE A 46 11.90 17.24 7.89
CA PHE A 46 10.49 17.63 7.93
C PHE A 46 10.25 18.92 8.69
N ARG A 47 11.30 19.58 9.19
CA ARG A 47 11.10 20.77 10.00
C ARG A 47 10.63 21.96 9.15
N ASP A 48 11.22 22.13 7.96
CA ASP A 48 10.92 23.27 7.11
C ASP A 48 9.99 22.91 5.96
N LEU A 49 9.26 21.81 6.09
CA LEU A 49 8.36 21.32 5.04
C LEU A 49 6.93 21.58 5.48
N SER A 50 6.23 22.44 4.74
CA SER A 50 4.86 22.79 5.08
C SER A 50 4.09 23.09 3.80
N PHE A 51 2.82 22.72 3.78
CA PHE A 51 1.92 22.96 2.65
C PHE A 51 0.64 23.59 3.18
N PRO A 52 0.67 24.89 3.46
CA PRO A 52 -0.53 25.55 4.01
C PRO A 52 -1.64 25.75 3.00
N LYS A 53 -1.40 25.51 1.71
CA LYS A 53 -2.41 25.73 0.70
C LYS A 53 -3.28 24.52 0.43
N LEU A 54 -2.90 23.34 0.91
CA LEU A 54 -3.72 22.15 0.70
C LEU A 54 -4.97 22.25 1.56
N ILE A 55 -6.13 22.20 0.92
CA ILE A 55 -7.39 22.44 1.61
C ILE A 55 -8.29 21.21 1.50
N MET A 56 -8.09 20.41 0.46
CA MET A 56 -9.11 19.44 0.10
C MET A 56 -8.46 18.29 -0.67
N ILE A 57 -8.74 17.06 -0.24
CA ILE A 57 -8.28 15.87 -0.93
C ILE A 57 -9.51 15.10 -1.36
N THR A 58 -9.57 14.73 -2.65
CA THR A 58 -10.82 14.19 -3.17
C THR A 58 -11.06 12.76 -2.71
N ASP A 59 -10.09 11.85 -2.92
CA ASP A 59 -10.34 10.45 -2.62
C ASP A 59 -9.85 10.02 -1.23
N TYR A 60 -8.55 10.07 -0.95
CA TYR A 60 -8.09 9.59 0.34
C TYR A 60 -6.64 9.98 0.56
N LEU A 61 -6.19 9.78 1.79
CA LEU A 61 -4.82 10.07 2.23
C LEU A 61 -4.25 8.82 2.88
N LEU A 62 -3.10 8.37 2.40
CA LEU A 62 -2.46 7.17 2.91
C LEU A 62 -1.05 7.50 3.37
N LEU A 63 -0.70 7.06 4.57
CA LEU A 63 0.63 7.20 5.12
C LEU A 63 1.11 5.83 5.60
N PHE A 64 2.29 5.42 5.16
CA PHE A 64 2.76 4.08 5.46
C PHE A 64 4.28 4.06 5.53
N ARG A 65 4.82 3.78 6.73
CA ARG A 65 6.24 3.57 6.92
C ARG A 65 7.07 4.78 6.46
N VAL A 66 6.82 5.92 7.13
CA VAL A 66 7.62 7.12 6.95
C VAL A 66 8.43 7.33 8.21
N TYR A 67 9.74 7.50 8.06
CA TYR A 67 10.64 7.62 9.19
C TYR A 67 11.07 9.08 9.34
N GLY A 68 10.93 9.62 10.54
CA GLY A 68 11.30 10.99 10.83
C GLY A 68 10.15 11.96 10.91
N LEU A 69 8.93 11.54 10.54
CA LEU A 69 7.77 12.40 10.64
C LEU A 69 7.12 12.20 12.00
N GLU A 70 7.10 13.26 12.81
CA GLU A 70 6.58 13.20 14.16
C GLU A 70 5.13 13.67 14.27
N SER A 71 4.71 14.60 13.42
CA SER A 71 3.35 15.11 13.47
C SER A 71 2.98 15.69 12.12
N LEU A 72 1.72 15.51 11.74
CA LEU A 72 1.21 16.08 10.50
C LEU A 72 0.75 17.52 10.66
N LYS A 73 0.83 18.08 11.87
CA LYS A 73 0.42 19.46 12.10
C LYS A 73 1.29 20.47 11.35
N ASP A 74 2.44 20.06 10.84
CA ASP A 74 3.28 20.94 10.04
C ASP A 74 3.17 20.67 8.55
N LEU A 75 2.69 19.48 8.15
CA LEU A 75 2.55 19.16 6.74
C LEU A 75 1.22 19.65 6.19
N PHE A 76 0.12 19.30 6.83
CA PHE A 76 -1.23 19.64 6.36
C PHE A 76 -2.00 20.35 7.46
N PRO A 77 -1.68 21.62 7.71
CA PRO A 77 -2.41 22.38 8.74
C PRO A 77 -3.70 23.01 8.26
N ASN A 78 -4.01 22.93 6.98
CA ASN A 78 -5.24 23.51 6.45
C ASN A 78 -6.09 22.50 5.70
N LEU A 79 -5.84 21.21 5.86
CA LEU A 79 -6.65 20.18 5.23
C LEU A 79 -8.00 20.12 5.94
N THR A 80 -9.07 20.48 5.22
CA THR A 80 -10.39 20.57 5.82
C THR A 80 -11.29 19.38 5.46
N VAL A 81 -11.36 19.01 4.18
CA VAL A 81 -12.31 18.02 3.71
C VAL A 81 -11.56 16.93 2.95
N ILE A 82 -11.93 15.68 3.20
CA ILE A 82 -11.49 14.53 2.42
C ILE A 82 -12.75 13.90 1.83
N ARG A 83 -13.03 14.19 0.56
CA ARG A 83 -14.32 13.81 -0.01
C ARG A 83 -14.52 12.31 -0.04
N GLY A 84 -13.49 11.57 -0.43
CA GLY A 84 -13.64 10.12 -0.53
C GLY A 84 -14.45 9.67 -1.73
N SER A 85 -14.13 10.18 -2.91
CA SER A 85 -14.82 9.75 -4.12
C SER A 85 -14.56 8.27 -4.40
N ARG A 86 -13.29 7.87 -4.43
CA ARG A 86 -12.90 6.47 -4.53
C ARG A 86 -11.97 6.14 -3.38
N LEU A 87 -12.35 5.18 -2.56
CA LEU A 87 -11.65 4.91 -1.31
C LEU A 87 -10.56 3.86 -1.50
N PHE A 88 -9.87 3.55 -0.42
CA PHE A 88 -8.80 2.56 -0.39
C PHE A 88 -9.31 1.40 0.45
N PHE A 89 -9.94 0.42 -0.21
CA PHE A 89 -10.60 -0.70 0.47
C PHE A 89 -11.60 -0.19 1.51
N ASN A 90 -12.39 0.81 1.10
CA ASN A 90 -13.39 1.44 1.96
C ASN A 90 -12.74 2.11 3.16
N TYR A 91 -11.72 2.92 2.90
CA TYR A 91 -11.04 3.70 3.91
C TYR A 91 -10.62 5.04 3.31
N ALA A 92 -10.98 6.13 3.98
CA ALA A 92 -10.69 7.46 3.46
C ALA A 92 -9.43 8.07 4.07
N LEU A 93 -8.94 7.53 5.18
CA LEU A 93 -7.70 8.02 5.79
C LEU A 93 -7.01 6.82 6.43
N VAL A 94 -5.87 6.43 5.87
CA VAL A 94 -5.15 5.25 6.34
C VAL A 94 -3.79 5.70 6.85
N ILE A 95 -3.45 5.29 8.07
CA ILE A 95 -2.16 5.59 8.68
C ILE A 95 -1.68 4.27 9.29
N PHE A 96 -0.82 3.56 8.58
CA PHE A 96 -0.49 2.18 8.92
C PHE A 96 1.02 2.03 9.09
N GLU A 97 1.43 1.41 10.19
CA GLU A 97 2.84 1.17 10.51
C GLU A 97 3.65 2.46 10.41
N MET A 98 3.03 3.56 10.81
CA MET A 98 3.64 4.89 10.69
C MET A 98 4.48 5.13 11.93
N VAL A 99 5.71 4.63 11.90
CA VAL A 99 6.60 4.78 13.04
C VAL A 99 7.04 6.23 13.19
N HIS A 100 7.46 6.59 14.39
CA HIS A 100 7.90 7.92 14.81
C HIS A 100 6.77 8.93 14.82
N LEU A 101 5.53 8.54 14.53
CA LEU A 101 4.41 9.47 14.56
C LEU A 101 3.91 9.57 15.99
N LYS A 102 3.89 10.79 16.53
CA LYS A 102 3.50 11.03 17.92
C LYS A 102 2.06 11.51 18.05
N GLU A 103 1.68 12.54 17.30
CA GLU A 103 0.33 13.06 17.33
C GLU A 103 -0.16 13.28 15.91
N LEU A 104 -1.47 13.19 15.72
CA LEU A 104 -2.05 13.31 14.39
C LEU A 104 -1.79 14.70 13.81
N GLY A 105 -2.34 15.73 14.44
CA GLY A 105 -2.05 17.09 14.04
C GLY A 105 -2.95 17.65 12.96
N LEU A 106 -3.90 16.89 12.44
CA LEU A 106 -4.86 17.40 11.46
C LEU A 106 -5.94 18.22 12.16
N TYR A 107 -5.51 19.32 12.78
CA TYR A 107 -6.41 20.10 13.62
C TYR A 107 -7.44 20.89 12.84
N ASN A 108 -7.30 21.00 11.53
CA ASN A 108 -8.29 21.68 10.69
C ASN A 108 -9.24 20.71 10.00
N LEU A 109 -9.06 19.41 10.16
CA LEU A 109 -9.98 18.45 9.55
C LEU A 109 -11.38 18.62 10.15
N MET A 110 -12.38 18.66 9.29
CA MET A 110 -13.74 18.94 9.75
C MET A 110 -14.74 17.89 9.27
N ASN A 111 -14.49 17.29 8.11
CA ASN A 111 -15.48 16.37 7.55
C ASN A 111 -14.80 15.39 6.62
N ILE A 112 -15.18 14.13 6.74
CA ILE A 112 -14.84 13.08 5.77
C ILE A 112 -16.15 12.66 5.14
N THR A 113 -16.39 13.10 3.90
CA THR A 113 -17.72 12.96 3.30
C THR A 113 -18.11 11.49 3.17
N ARG A 114 -17.18 10.64 2.73
CA ARG A 114 -17.49 9.22 2.53
C ARG A 114 -16.25 8.40 2.88
N GLY A 115 -16.46 7.32 3.62
CA GLY A 115 -15.40 6.38 3.93
C GLY A 115 -15.22 6.21 5.42
N SER A 116 -14.17 5.48 5.78
CA SER A 116 -13.84 5.25 7.17
C SER A 116 -12.39 5.64 7.44
N VAL A 117 -11.89 5.34 8.63
CA VAL A 117 -10.53 5.68 9.04
C VAL A 117 -9.86 4.42 9.56
N ARG A 118 -8.63 4.17 9.12
CA ARG A 118 -7.86 3.02 9.58
C ARG A 118 -6.50 3.52 10.08
N ILE A 119 -6.38 3.65 11.40
CA ILE A 119 -5.13 4.05 12.04
C ILE A 119 -4.63 2.86 12.84
N GLU A 120 -3.43 2.40 12.55
CA GLU A 120 -3.01 1.12 13.12
C GLU A 120 -1.49 1.05 13.25
N LYS A 121 -1.06 0.28 14.25
CA LYS A 121 0.34 -0.16 14.40
C LYS A 121 1.31 1.00 14.42
N ASN A 122 0.97 2.05 15.15
CA ASN A 122 1.87 3.18 15.40
C ASN A 122 2.22 3.14 16.88
N ASN A 123 3.37 2.54 17.20
CA ASN A 123 3.74 2.32 18.59
C ASN A 123 4.15 3.59 19.32
N GLU A 124 3.99 4.79 18.72
CA GLU A 124 4.29 6.02 19.42
C GLU A 124 3.20 7.08 19.22
N LEU A 125 2.03 6.69 18.73
CA LEU A 125 0.98 7.63 18.39
C LEU A 125 0.08 7.86 19.59
N CYS A 126 0.01 9.10 20.06
CA CYS A 126 -0.89 9.52 21.11
C CYS A 126 -1.99 10.38 20.50
N TYR A 127 -2.86 10.90 21.37
CA TYR A 127 -3.94 11.81 20.97
C TYR A 127 -4.87 11.15 19.95
N LEU A 128 -5.46 10.03 20.36
CA LEU A 128 -6.38 9.31 19.49
C LEU A 128 -7.73 9.11 20.18
N ALA A 129 -7.72 8.95 21.50
CA ALA A 129 -8.96 8.86 22.25
C ALA A 129 -9.58 10.22 22.53
N THR A 130 -8.84 11.31 22.32
CA THR A 130 -9.34 12.66 22.50
C THR A 130 -9.86 13.25 21.19
N ILE A 131 -10.30 12.41 20.25
CA ILE A 131 -10.78 12.84 18.95
C ILE A 131 -12.21 12.33 18.79
N ASP A 132 -13.13 13.25 18.53
CA ASP A 132 -14.55 12.90 18.39
C ASP A 132 -14.81 12.57 16.93
N TRP A 133 -14.61 11.30 16.57
CA TRP A 133 -14.86 10.86 15.21
C TRP A 133 -16.34 10.90 14.84
N SER A 134 -17.23 11.03 15.83
CA SER A 134 -18.66 11.13 15.52
C SER A 134 -19.01 12.50 14.92
N ARG A 135 -18.16 13.50 15.13
CA ARG A 135 -18.38 14.82 14.55
C ARG A 135 -17.76 14.97 13.17
N ILE A 136 -16.92 14.02 12.75
CA ILE A 136 -16.23 14.11 11.47
C ILE A 136 -16.87 13.17 10.47
N LEU A 137 -16.83 11.87 10.76
CA LEU A 137 -17.49 10.89 9.90
C LEU A 137 -18.97 10.79 10.24
N ASP A 138 -19.77 10.44 9.24
CA ASP A 138 -21.19 10.23 9.48
C ASP A 138 -21.43 8.94 10.24
N SER A 139 -20.77 7.86 9.84
CA SER A 139 -20.91 6.55 10.49
C SER A 139 -19.55 6.12 11.00
N VAL A 140 -19.43 5.97 12.33
CA VAL A 140 -18.17 5.62 12.96
C VAL A 140 -18.05 4.15 13.27
N GLU A 141 -19.05 3.34 12.91
CA GLU A 141 -19.01 1.91 13.21
C GLU A 141 -18.00 1.16 12.38
N ASP A 142 -17.43 1.77 11.34
CA ASP A 142 -16.51 1.10 10.43
C ASP A 142 -15.05 1.50 10.67
N ASN A 143 -14.78 2.33 11.68
CA ASN A 143 -13.41 2.67 12.00
C ASN A 143 -12.67 1.43 12.49
N TYR A 144 -11.34 1.47 12.34
CA TYR A 144 -10.48 0.36 12.78
C TYR A 144 -9.22 0.99 13.37
N ILE A 145 -9.24 1.21 14.68
CA ILE A 145 -8.17 1.90 15.39
C ILE A 145 -7.73 0.97 16.52
N VAL A 146 -6.70 0.16 16.26
CA VAL A 146 -6.19 -0.79 17.23
C VAL A 146 -4.68 -0.88 17.09
N LEU A 147 -4.05 -1.53 18.08
CA LEU A 147 -2.64 -1.90 18.05
C LEU A 147 -1.72 -0.69 17.94
N ASN A 148 -2.13 0.45 18.49
CA ASN A 148 -1.29 1.63 18.55
C ASN A 148 -0.88 1.89 20.00
N LYS A 149 -0.18 3.00 20.22
CA LYS A 149 0.25 3.34 21.58
C LYS A 149 -0.91 3.72 22.48
N ASP A 150 -2.01 4.20 21.91
CA ASP A 150 -3.14 4.64 22.71
C ASP A 150 -3.77 3.47 23.46
N ASP A 151 -3.87 2.30 22.82
CA ASP A 151 -4.54 1.16 23.45
C ASP A 151 -3.79 0.71 24.69
N ASN A 152 -2.49 0.47 24.58
CA ASN A 152 -1.66 0.16 25.74
C ASN A 152 -1.35 1.47 26.45
N GLU A 153 -2.05 1.73 27.55
CA GLU A 153 -2.09 3.08 28.13
C GLU A 153 -0.69 3.58 28.46
N GLU A 154 -0.23 4.55 27.65
CA GLU A 154 1.08 5.15 27.84
C GLU A 154 1.06 6.65 27.51
N CYS A 155 -0.09 7.23 27.19
CA CYS A 155 -0.17 8.55 26.62
C CYS A 155 -0.72 9.54 27.64
N GLY A 156 0.04 10.62 27.86
CA GLY A 156 -0.45 11.74 28.65
C GLY A 156 -1.08 12.81 27.81
N ASP A 157 -2.24 12.52 27.23
CA ASP A 157 -2.92 13.47 26.35
C ASP A 157 -3.46 14.65 27.16
N VAL A 158 -2.81 15.80 27.02
CA VAL A 158 -3.18 17.01 27.75
C VAL A 158 -3.44 18.13 26.76
N CYS A 159 -4.61 18.77 26.91
CA CYS A 159 -4.99 19.84 26.02
C CYS A 159 -5.76 20.88 26.82
N PRO A 160 -5.70 22.16 26.43
CA PRO A 160 -6.36 23.27 27.14
C PRO A 160 -7.87 23.11 27.22
N CYS A 169 -11.07 24.11 25.90
CA CYS A 169 -11.81 23.71 24.71
C CYS A 169 -13.00 22.82 25.07
N PRO A 170 -14.10 22.97 24.32
CA PRO A 170 -15.31 22.23 24.66
C PRO A 170 -15.12 20.73 24.61
N ALA A 171 -15.79 20.03 25.51
CA ALA A 171 -15.74 18.58 25.63
C ALA A 171 -17.08 17.98 25.22
N THR A 172 -17.14 16.65 25.23
CA THR A 172 -18.37 15.94 24.88
C THR A 172 -18.47 14.62 25.63
N GLN A 177 -19.31 8.98 29.10
CA GLN A 177 -18.47 9.85 29.93
C GLN A 177 -17.98 11.06 29.15
N PHE A 178 -18.15 12.24 29.71
CA PHE A 178 -17.70 13.47 29.07
C PHE A 178 -16.18 13.57 29.18
N VAL A 179 -15.53 13.83 28.04
CA VAL A 179 -14.08 13.86 27.94
C VAL A 179 -13.68 14.99 27.01
N GLU A 180 -12.55 15.63 27.33
CA GLU A 180 -12.04 16.71 26.50
C GLU A 180 -11.70 16.20 25.11
N ARG A 181 -11.94 17.04 24.10
CA ARG A 181 -11.65 16.72 22.71
C ARG A 181 -10.57 17.65 22.19
N CYS A 182 -9.50 17.08 21.65
CA CYS A 182 -8.38 17.87 21.19
C CYS A 182 -7.60 17.09 20.15
N TRP A 183 -6.94 17.82 19.25
CA TRP A 183 -6.12 17.21 18.22
C TRP A 183 -4.67 17.02 18.67
N THR A 184 -4.04 18.09 19.13
CA THR A 184 -2.66 18.08 19.59
C THR A 184 -2.58 18.60 21.01
N HIS A 185 -1.34 18.81 21.48
CA HIS A 185 -1.13 19.37 22.81
C HIS A 185 -1.67 20.80 22.91
N SER A 186 -1.47 21.60 21.88
CA SER A 186 -1.86 23.01 21.90
C SER A 186 -2.97 23.33 20.89
N HIS A 187 -3.66 22.32 20.37
CA HIS A 187 -4.77 22.53 19.45
C HIS A 187 -5.94 21.65 19.87
N CYS A 188 -7.13 22.23 19.93
CA CYS A 188 -8.32 21.53 20.37
C CYS A 188 -9.33 21.44 19.23
N GLN A 189 -10.04 20.31 19.19
CA GLN A 189 -10.98 20.06 18.11
C GLN A 189 -12.07 21.12 18.09
N LYS A 190 -12.35 21.66 16.91
CA LYS A 190 -13.38 22.69 16.76
C LYS A 190 -14.74 22.02 16.62
N VAL A 191 -15.63 22.32 17.56
CA VAL A 191 -16.97 21.75 17.58
C VAL A 191 -17.96 22.89 17.35
N CYS A 192 -18.75 22.78 16.29
CA CYS A 192 -19.76 23.77 15.96
C CYS A 192 -21.05 23.48 16.72
N PRO A 193 -21.89 24.49 16.91
CA PRO A 193 -23.19 24.24 17.54
C PRO A 193 -24.04 23.30 16.71
N THR A 194 -24.92 22.56 17.37
CA THR A 194 -25.70 21.52 16.71
C THR A 194 -26.62 22.08 15.63
N ILE A 195 -26.92 23.38 15.65
CA ILE A 195 -27.70 23.96 14.57
C ILE A 195 -26.89 23.99 13.28
N CYS A 196 -25.59 24.26 13.37
CA CYS A 196 -24.68 24.15 12.23
C CYS A 196 -24.43 22.66 12.00
N LYS A 197 -25.39 22.03 11.31
CA LYS A 197 -25.37 20.58 11.20
C LYS A 197 -24.13 20.07 10.48
N SER A 198 -23.87 20.59 9.29
CA SER A 198 -22.63 20.28 8.57
C SER A 198 -22.03 21.48 7.87
N HIS A 199 -22.69 22.65 7.91
CA HIS A 199 -22.23 23.84 7.19
C HIS A 199 -21.06 24.53 7.88
N GLY A 200 -20.67 24.08 9.07
CA GLY A 200 -19.56 24.71 9.77
C GLY A 200 -19.92 26.07 10.31
N CYS A 201 -19.14 26.56 11.26
CA CYS A 201 -19.39 27.84 11.90
C CYS A 201 -18.08 28.61 12.02
N THR A 202 -18.20 29.94 12.04
CA THR A 202 -17.04 30.78 12.28
C THR A 202 -16.63 30.67 13.76
N ALA A 203 -15.62 31.44 14.12
CA ALA A 203 -15.10 31.37 15.50
C ALA A 203 -16.17 31.80 16.50
N GLU A 204 -16.95 32.84 16.15
CA GLU A 204 -17.91 33.40 17.08
C GLU A 204 -19.16 32.54 17.25
N GLY A 205 -19.37 31.54 16.40
CA GLY A 205 -20.49 30.64 16.54
C GLY A 205 -21.65 30.85 15.59
N LEU A 206 -21.49 31.69 14.58
CA LEU A 206 -22.54 31.93 13.61
C LEU A 206 -22.43 30.93 12.46
N CYS A 207 -23.57 30.32 12.09
CA CYS A 207 -23.59 29.34 11.02
C CYS A 207 -23.16 29.97 9.70
N CYS A 208 -22.42 29.20 8.90
CA CYS A 208 -22.02 29.63 7.56
C CYS A 208 -23.19 29.44 6.62
N HIS A 209 -22.96 29.66 5.32
CA HIS A 209 -24.02 29.50 4.34
C HIS A 209 -24.39 28.03 4.21
N LYS A 210 -25.50 27.79 3.49
CA LYS A 210 -25.97 26.43 3.28
C LYS A 210 -25.02 25.61 2.41
N GLU A 211 -24.16 26.26 1.62
CA GLU A 211 -23.25 25.55 0.74
C GLU A 211 -21.84 25.39 1.30
N CYS A 212 -21.50 26.09 2.37
CA CYS A 212 -20.19 25.93 2.98
C CYS A 212 -20.03 24.51 3.55
N LEU A 213 -18.80 24.21 3.96
CA LEU A 213 -18.51 22.91 4.57
C LEU A 213 -17.26 23.05 5.41
N GLY A 214 -17.40 22.86 6.72
CA GLY A 214 -16.25 22.92 7.61
C GLY A 214 -15.97 24.27 8.20
N ASN A 215 -15.52 25.22 7.38
CA ASN A 215 -15.12 26.53 7.87
C ASN A 215 -15.54 27.59 6.87
N CYS A 216 -15.64 28.82 7.35
CA CYS A 216 -15.95 29.97 6.50
C CYS A 216 -15.36 31.22 7.12
N SER A 217 -14.78 32.08 6.28
CA SER A 217 -14.19 33.32 6.79
C SER A 217 -15.25 34.35 7.14
N GLU A 218 -16.42 34.26 6.52
CA GLU A 218 -17.50 35.21 6.75
C GLU A 218 -18.83 34.47 6.76
N PRO A 219 -19.50 34.37 7.90
CA PRO A 219 -20.75 33.60 7.95
C PRO A 219 -21.84 34.23 7.10
N ASP A 220 -22.73 33.37 6.59
CA ASP A 220 -23.85 33.77 5.75
C ASP A 220 -23.36 34.46 4.47
N ASP A 221 -22.55 33.73 3.70
CA ASP A 221 -22.01 34.21 2.43
C ASP A 221 -21.50 33.02 1.63
N PRO A 222 -21.94 32.86 0.38
CA PRO A 222 -21.49 31.68 -0.39
C PRO A 222 -20.06 31.78 -0.88
N THR A 223 -19.58 32.98 -1.23
CA THR A 223 -18.26 33.13 -1.81
C THR A 223 -17.16 33.25 -0.78
N LYS A 224 -17.50 33.19 0.51
CA LYS A 224 -16.53 33.25 1.59
C LYS A 224 -16.41 31.92 2.32
N CYS A 225 -16.64 30.82 1.63
CA CYS A 225 -16.56 29.48 2.21
C CYS A 225 -15.10 29.09 2.36
N VAL A 226 -14.85 27.82 2.70
CA VAL A 226 -13.54 27.21 2.61
C VAL A 226 -13.55 26.02 1.66
N ALA A 227 -14.55 25.14 1.77
CA ALA A 227 -14.75 24.05 0.84
C ALA A 227 -16.22 23.92 0.55
N CYS A 228 -16.57 23.86 -0.75
CA CYS A 228 -17.97 23.81 -1.13
C CYS A 228 -18.57 22.44 -0.84
N ARG A 229 -19.86 22.44 -0.48
CA ARG A 229 -20.54 21.19 -0.16
C ARG A 229 -20.98 20.46 -1.43
N ASN A 230 -21.39 21.20 -2.45
CA ASN A 230 -21.94 20.59 -3.66
C ASN A 230 -21.01 20.75 -4.86
N PHE A 231 -20.67 21.97 -5.24
CA PHE A 231 -19.87 22.21 -6.43
C PHE A 231 -19.17 23.55 -6.29
N TYR A 232 -18.11 23.73 -7.06
CA TYR A 232 -17.29 24.94 -7.04
C TYR A 232 -17.28 25.55 -8.42
N LEU A 233 -17.51 26.86 -8.50
CA LEU A 233 -17.53 27.56 -9.78
C LEU A 233 -17.16 29.02 -9.57
N ASP A 234 -16.06 29.45 -10.18
CA ASP A 234 -15.64 30.85 -10.17
C ASP A 234 -15.53 31.40 -8.75
N GLY A 235 -15.06 30.56 -7.84
CA GLY A 235 -14.96 30.95 -6.44
C GLY A 235 -16.31 31.20 -5.81
N GLN A 236 -17.30 30.38 -6.16
CA GLN A 236 -18.64 30.53 -5.63
C GLN A 236 -19.25 29.14 -5.49
N CYS A 237 -19.56 28.72 -4.27
CA CYS A 237 -20.25 27.46 -4.08
C CYS A 237 -21.66 27.53 -4.68
N VAL A 238 -22.04 26.47 -5.39
CA VAL A 238 -23.32 26.44 -6.08
C VAL A 238 -23.95 25.06 -5.89
N GLU A 239 -25.27 25.03 -5.83
CA GLU A 239 -25.98 23.77 -5.68
C GLU A 239 -25.82 22.90 -6.92
N THR A 240 -26.07 23.46 -8.09
CA THR A 240 -25.90 22.75 -9.36
C THR A 240 -25.36 23.73 -10.39
N CYS A 241 -24.44 23.27 -11.21
CA CYS A 241 -23.77 24.15 -12.16
C CYS A 241 -24.75 24.61 -13.23
N PRO A 242 -24.95 25.92 -13.41
CA PRO A 242 -25.85 26.38 -14.47
C PRO A 242 -25.23 26.15 -15.84
N PRO A 243 -26.04 25.99 -16.88
CA PRO A 243 -25.48 25.83 -18.22
C PRO A 243 -24.79 27.09 -18.67
N PRO A 244 -23.81 27.01 -19.58
CA PRO A 244 -23.34 25.81 -20.29
C PRO A 244 -22.22 25.08 -19.57
N TYR A 245 -22.32 24.89 -18.25
CA TYR A 245 -21.31 24.16 -17.49
C TYR A 245 -21.78 22.74 -17.22
N TYR A 246 -20.81 21.84 -17.11
CA TYR A 246 -21.05 20.44 -16.82
C TYR A 246 -20.31 20.04 -15.55
N HIS A 247 -20.95 19.18 -14.75
CA HIS A 247 -20.30 18.69 -13.55
C HIS A 247 -19.06 17.88 -13.91
N PHE A 248 -18.08 17.90 -13.02
CA PHE A 248 -16.82 17.21 -13.25
C PHE A 248 -16.26 16.73 -11.92
N GLN A 249 -15.85 15.46 -11.90
CA GLN A 249 -15.28 14.80 -10.73
C GLN A 249 -16.19 14.91 -9.52
N ASP A 250 -17.48 15.13 -9.74
CA ASP A 250 -18.50 15.30 -8.72
C ASP A 250 -18.20 16.43 -7.75
N TRP A 251 -17.24 17.31 -8.08
CA TRP A 251 -16.94 18.41 -7.18
C TRP A 251 -16.74 19.76 -7.85
N ARG A 252 -16.65 19.86 -9.17
CA ARG A 252 -16.50 21.18 -9.77
C ARG A 252 -17.32 21.26 -11.05
N CYS A 253 -17.29 22.43 -11.68
CA CYS A 253 -18.03 22.69 -12.91
C CYS A 253 -17.07 23.20 -13.97
N VAL A 254 -17.12 22.57 -15.14
CA VAL A 254 -16.21 22.90 -16.24
C VAL A 254 -17.00 23.09 -17.51
N ASN A 255 -16.51 23.98 -18.37
CA ASN A 255 -17.19 24.25 -19.63
C ASN A 255 -16.91 23.13 -20.65
N PHE A 256 -17.53 23.24 -21.82
CA PHE A 256 -17.41 22.20 -22.83
C PHE A 256 -15.97 22.07 -23.32
N SER A 257 -15.27 23.21 -23.47
CA SER A 257 -13.92 23.19 -24.02
C SER A 257 -12.97 22.38 -23.15
N PHE A 258 -13.10 22.47 -21.83
CA PHE A 258 -12.21 21.75 -20.94
C PHE A 258 -12.38 20.24 -21.08
N CYS A 259 -13.63 19.76 -21.08
CA CYS A 259 -13.87 18.33 -21.22
C CYS A 259 -13.44 17.84 -22.60
N GLN A 260 -13.69 18.65 -23.65
CA GLN A 260 -13.24 18.27 -24.99
C GLN A 260 -11.72 18.19 -25.05
N ASP A 261 -11.02 19.13 -24.42
CA ASP A 261 -9.57 19.10 -24.40
C ASP A 261 -9.05 17.88 -23.64
N LEU A 262 -9.70 17.54 -22.53
CA LEU A 262 -9.29 16.35 -21.80
C LEU A 262 -9.50 15.09 -22.65
N HIS A 263 -10.58 15.03 -23.40
CA HIS A 263 -10.80 13.91 -24.30
C HIS A 263 -9.74 13.86 -25.40
N PHE A 264 -9.39 15.02 -25.97
CA PHE A 264 -8.44 15.04 -27.07
C PHE A 264 -7.02 14.73 -26.61
N LYS A 265 -6.67 15.10 -25.37
CA LYS A 265 -5.31 14.85 -24.90
C LYS A 265 -4.99 13.36 -24.80
N CYS A 266 -6.01 12.50 -24.84
CA CYS A 266 -5.77 11.07 -24.88
C CYS A 266 -5.33 10.57 -26.24
N ARG A 267 -5.38 11.42 -27.27
CA ARG A 267 -4.97 11.04 -28.61
C ARG A 267 -3.60 11.63 -28.95
N CYS A 274 -6.79 5.94 -20.10
CA CYS A 274 -6.55 7.36 -20.26
C CYS A 274 -7.78 8.18 -19.90
N HIS A 275 -8.93 7.51 -19.86
CA HIS A 275 -10.22 8.12 -19.49
C HIS A 275 -10.55 9.28 -20.42
N GLN A 276 -10.79 8.93 -21.69
CA GLN A 276 -11.29 9.90 -22.65
C GLN A 276 -12.73 10.24 -22.28
N TYR A 277 -12.95 11.48 -21.83
CA TYR A 277 -14.20 11.85 -21.20
C TYR A 277 -15.31 12.10 -22.22
N VAL A 278 -16.54 11.85 -21.79
CA VAL A 278 -17.72 12.07 -22.62
C VAL A 278 -18.76 12.80 -21.79
N ILE A 279 -19.68 13.48 -22.48
CA ILE A 279 -20.72 14.29 -21.84
C ILE A 279 -22.03 13.54 -21.92
N HIS A 280 -22.71 13.43 -20.79
CA HIS A 280 -23.98 12.71 -20.73
C HIS A 280 -24.73 13.14 -19.49
N ASN A 281 -25.96 13.63 -19.67
CA ASN A 281 -26.78 14.13 -18.57
C ASN A 281 -26.08 15.24 -17.81
N ASN A 282 -25.48 16.18 -18.55
CA ASN A 282 -24.74 17.31 -17.97
C ASN A 282 -23.64 16.83 -17.03
N LYS A 283 -22.91 15.80 -17.43
CA LYS A 283 -21.79 15.30 -16.66
C LYS A 283 -20.67 14.90 -17.61
N CYS A 284 -19.45 15.38 -17.32
CA CYS A 284 -18.27 15.01 -18.10
C CYS A 284 -17.65 13.79 -17.41
N ILE A 285 -18.10 12.61 -17.83
CA ILE A 285 -17.78 11.35 -17.16
C ILE A 285 -16.71 10.58 -17.94
N PRO A 286 -15.96 9.69 -17.28
CA PRO A 286 -14.85 9.01 -17.97
C PRO A 286 -15.29 8.16 -19.16
N GLU A 287 -16.47 7.55 -19.11
CA GLU A 287 -16.91 6.70 -20.21
C GLU A 287 -18.42 6.65 -20.25
N CYS A 288 -18.97 6.45 -21.45
CA CYS A 288 -20.41 6.34 -21.59
C CYS A 288 -20.90 5.10 -20.86
N PRO A 289 -22.06 5.17 -20.19
CA PRO A 289 -22.59 3.98 -19.53
C PRO A 289 -23.08 2.95 -20.55
N SER A 290 -23.49 1.80 -20.04
CA SER A 290 -23.96 0.74 -20.91
C SER A 290 -25.20 1.16 -21.67
N GLY A 291 -25.32 0.71 -22.91
CA GLY A 291 -26.41 1.08 -23.77
C GLY A 291 -26.24 2.40 -24.50
N TYR A 292 -25.07 3.01 -24.42
CA TYR A 292 -24.80 4.28 -25.09
C TYR A 292 -23.44 4.22 -25.78
N THR A 293 -23.30 5.04 -26.81
CA THR A 293 -22.03 5.22 -27.50
C THR A 293 -21.73 6.70 -27.66
N MET A 294 -20.44 7.04 -27.65
CA MET A 294 -20.03 8.41 -27.85
C MET A 294 -20.25 8.83 -29.30
N ASN A 295 -20.76 10.05 -29.47
CA ASN A 295 -20.86 10.66 -30.78
C ASN A 295 -19.57 11.43 -31.06
N SER A 296 -19.02 11.27 -32.26
CA SER A 296 -17.77 11.94 -32.60
C SER A 296 -17.95 13.41 -32.91
N SER A 297 -19.19 13.89 -33.03
CA SER A 297 -19.42 15.29 -33.38
C SER A 297 -19.35 16.20 -32.15
N ASN A 298 -20.17 15.93 -31.14
CA ASN A 298 -20.25 16.78 -29.98
C ASN A 298 -20.05 16.06 -28.65
N LEU A 299 -19.48 14.86 -28.67
CA LEU A 299 -19.04 14.16 -27.46
C LEU A 299 -20.18 13.91 -26.49
N MET A 300 -21.34 13.50 -27.00
CA MET A 300 -22.49 13.18 -26.17
C MET A 300 -22.86 11.71 -26.32
N CYS A 301 -23.10 11.05 -25.20
CA CYS A 301 -23.48 9.64 -25.20
C CYS A 301 -24.91 9.51 -25.72
N THR A 302 -25.07 8.84 -26.87
CA THR A 302 -26.38 8.62 -27.45
C THR A 302 -26.72 7.13 -27.43
N PRO A 303 -28.01 6.78 -27.34
CA PRO A 303 -28.39 5.37 -27.33
C PRO A 303 -28.05 4.69 -28.64
N CYS A 304 -27.77 3.40 -28.57
CA CYS A 304 -27.37 2.61 -29.73
C CYS A 304 -28.39 1.50 -29.99
N LEU A 305 -28.48 1.10 -31.26
CA LEU A 305 -29.35 0.02 -31.68
C LEU A 305 -28.55 -1.27 -31.76
N GLY A 306 -29.07 -2.33 -31.14
CA GLY A 306 -28.36 -3.58 -31.07
C GLY A 306 -27.16 -3.49 -30.16
N PRO A 307 -26.10 -4.23 -30.47
CA PRO A 307 -24.89 -4.17 -29.65
C PRO A 307 -24.20 -2.82 -29.79
N CYS A 308 -23.89 -2.21 -28.65
CA CYS A 308 -23.16 -0.95 -28.65
C CYS A 308 -21.69 -1.21 -28.96
N PRO A 309 -21.13 -0.65 -30.03
CA PRO A 309 -19.72 -0.90 -30.34
C PRO A 309 -18.82 -0.44 -29.20
N LYS A 310 -17.84 -1.28 -28.87
CA LYS A 310 -16.89 -1.02 -27.78
C LYS A 310 -15.49 -1.34 -28.29
N VAL A 311 -14.84 -0.34 -28.89
CA VAL A 311 -13.48 -0.53 -29.37
C VAL A 311 -12.52 -0.61 -28.18
N CYS A 312 -11.68 -1.63 -28.18
CA CYS A 312 -10.77 -1.88 -27.06
C CYS A 312 -9.33 -1.85 -27.56
N GLN A 313 -8.48 -1.11 -26.85
CA GLN A 313 -7.08 -0.96 -27.19
C GLN A 313 -6.23 -1.75 -26.21
N ILE A 314 -5.11 -2.28 -26.70
CA ILE A 314 -4.22 -3.13 -25.91
C ILE A 314 -2.80 -2.62 -26.06
N LEU A 315 -1.99 -2.89 -25.02
CA LEU A 315 -0.62 -2.40 -25.01
C LEU A 315 0.26 -3.14 -26.01
N GLU A 316 1.12 -2.40 -26.68
CA GLU A 316 2.12 -2.90 -27.63
C GLU A 316 1.50 -3.69 -28.78
N GLY A 317 0.19 -3.61 -28.97
CA GLY A 317 -0.46 -4.37 -30.04
C GLY A 317 -0.33 -5.87 -29.89
N GLU A 318 -0.49 -6.37 -28.67
CA GLU A 318 -0.36 -7.80 -28.41
C GLU A 318 -0.92 -8.10 -27.02
N LYS A 319 -1.64 -9.21 -26.90
CA LYS A 319 -2.15 -9.65 -25.62
C LYS A 319 -2.23 -11.17 -25.62
N THR A 320 -1.81 -11.78 -24.52
CA THR A 320 -1.81 -13.22 -24.36
C THR A 320 -2.94 -13.64 -23.43
N ILE A 321 -3.78 -14.56 -23.90
CA ILE A 321 -4.87 -15.10 -23.11
C ILE A 321 -4.43 -16.48 -22.61
N ASP A 322 -4.07 -16.56 -21.34
CA ASP A 322 -3.61 -17.82 -20.76
C ASP A 322 -4.73 -18.65 -20.16
N SER A 323 -5.84 -18.03 -19.82
CA SER A 323 -6.98 -18.72 -19.22
C SER A 323 -8.19 -17.79 -19.32
N VAL A 324 -9.26 -18.16 -18.64
CA VAL A 324 -10.48 -17.35 -18.66
C VAL A 324 -10.24 -16.01 -17.96
N THR A 325 -9.44 -16.01 -16.90
CA THR A 325 -9.22 -14.79 -16.13
C THR A 325 -8.59 -13.70 -16.99
N SER A 326 -7.61 -14.07 -17.81
CA SER A 326 -6.99 -13.08 -18.68
C SER A 326 -7.94 -12.59 -19.76
N ALA A 327 -8.87 -13.45 -20.19
CA ALA A 327 -9.86 -13.06 -21.18
C ALA A 327 -11.03 -12.30 -20.58
N GLN A 328 -11.11 -12.21 -19.26
CA GLN A 328 -12.21 -11.50 -18.61
C GLN A 328 -12.21 -10.03 -19.00
N GLU A 329 -11.03 -9.43 -19.14
CA GLU A 329 -10.95 -8.01 -19.49
C GLU A 329 -11.57 -7.73 -20.86
N LEU A 330 -11.52 -8.70 -21.77
CA LEU A 330 -12.04 -8.53 -23.12
C LEU A 330 -13.56 -8.59 -23.19
N ARG A 331 -14.24 -8.72 -22.06
CA ARG A 331 -15.69 -8.90 -22.07
C ARG A 331 -16.38 -7.69 -22.69
N GLY A 332 -17.26 -7.94 -23.66
CA GLY A 332 -18.04 -6.91 -24.30
C GLY A 332 -17.38 -6.24 -25.48
N CYS A 333 -16.09 -6.50 -25.71
CA CYS A 333 -15.40 -5.87 -26.83
C CYS A 333 -15.97 -6.38 -28.16
N THR A 334 -15.96 -5.52 -29.16
CA THR A 334 -16.38 -5.89 -30.51
C THR A 334 -15.29 -5.66 -31.55
N VAL A 335 -14.50 -4.61 -31.41
CA VAL A 335 -13.39 -4.33 -32.30
C VAL A 335 -12.12 -4.22 -31.48
N ILE A 336 -11.06 -4.87 -31.93
CA ILE A 336 -9.77 -4.85 -31.23
C ILE A 336 -8.76 -4.19 -32.15
N ASN A 337 -8.16 -3.10 -31.68
CA ASN A 337 -7.10 -2.42 -32.42
C ASN A 337 -5.72 -2.95 -32.02
N GLY A 338 -5.56 -4.26 -32.08
CA GLY A 338 -4.32 -4.90 -31.71
C GLY A 338 -4.25 -6.33 -32.20
N SER A 339 -3.68 -7.22 -31.40
CA SER A 339 -3.53 -8.61 -31.79
C SER A 339 -3.88 -9.51 -30.62
N LEU A 340 -4.26 -10.74 -30.94
CA LEU A 340 -4.64 -11.73 -29.93
C LEU A 340 -3.73 -12.95 -30.05
N ILE A 341 -3.22 -13.41 -28.92
CA ILE A 341 -2.41 -14.61 -28.83
C ILE A 341 -3.08 -15.53 -27.82
N ILE A 342 -3.51 -16.69 -28.26
CA ILE A 342 -4.25 -17.64 -27.44
C ILE A 342 -3.32 -18.79 -27.11
N ASN A 343 -3.01 -18.94 -25.83
CA ASN A 343 -2.09 -19.93 -25.31
C ASN A 343 -2.70 -20.62 -24.10
N ILE A 344 -3.94 -21.06 -24.25
CA ILE A 344 -4.71 -21.60 -23.14
C ILE A 344 -4.52 -23.11 -23.07
N ARG A 345 -3.93 -23.58 -21.98
CA ARG A 345 -3.63 -24.99 -21.79
C ARG A 345 -4.56 -25.67 -20.81
N GLY A 346 -5.69 -25.05 -20.47
CA GLY A 346 -6.64 -25.65 -19.57
C GLY A 346 -7.28 -24.66 -18.61
N ASN A 349 -15.79 -25.46 -17.59
CA ASN A 349 -16.72 -24.68 -18.38
C ASN A 349 -16.02 -24.02 -19.56
N LEU A 350 -14.93 -24.64 -20.01
CA LEU A 350 -14.14 -24.08 -21.09
C LEU A 350 -14.88 -24.21 -22.41
N ALA A 351 -14.50 -23.35 -23.37
CA ALA A 351 -15.11 -23.27 -24.69
C ALA A 351 -16.58 -22.85 -24.61
N ALA A 352 -17.04 -22.55 -23.40
CA ALA A 352 -18.37 -22.00 -23.18
C ALA A 352 -18.32 -20.64 -22.51
N GLU A 353 -17.54 -20.50 -21.44
CA GLU A 353 -17.32 -19.19 -20.84
C GLU A 353 -16.41 -18.34 -21.70
N LEU A 354 -15.49 -18.98 -22.44
CA LEU A 354 -14.71 -18.25 -23.43
C LEU A 354 -15.59 -17.64 -24.49
N GLU A 355 -16.69 -18.32 -24.84
CA GLU A 355 -17.66 -17.72 -25.77
C GLU A 355 -18.35 -16.53 -25.15
N ALA A 356 -18.59 -16.56 -23.84
CA ALA A 356 -19.16 -15.40 -23.17
C ALA A 356 -18.21 -14.22 -23.20
N ASN A 357 -16.91 -14.47 -22.98
CA ASN A 357 -15.94 -13.37 -22.91
C ASN A 357 -15.57 -12.82 -24.29
N LEU A 358 -15.42 -13.69 -25.28
CA LEU A 358 -14.90 -13.30 -26.59
C LEU A 358 -15.90 -13.47 -27.72
N GLY A 359 -17.11 -13.93 -27.42
CA GLY A 359 -18.06 -14.22 -28.49
C GLY A 359 -18.77 -13.01 -29.05
N LEU A 360 -18.14 -11.83 -28.94
CA LEU A 360 -18.68 -10.61 -29.52
C LEU A 360 -17.74 -9.93 -30.48
N ILE A 361 -16.46 -10.30 -30.52
CA ILE A 361 -15.49 -9.61 -31.36
C ILE A 361 -15.89 -9.74 -32.81
N GLU A 362 -15.84 -8.61 -33.53
CA GLU A 362 -16.21 -8.57 -34.93
C GLU A 362 -15.08 -8.15 -35.85
N GLU A 363 -13.95 -7.72 -35.32
CA GLU A 363 -12.82 -7.34 -36.15
C GLU A 363 -11.57 -7.30 -35.29
N ILE A 364 -10.45 -7.77 -35.84
CA ILE A 364 -9.15 -7.69 -35.20
C ILE A 364 -8.21 -6.94 -36.14
N SER A 365 -7.56 -5.89 -35.61
CA SER A 365 -6.72 -5.05 -36.46
C SER A 365 -5.42 -5.74 -36.82
N GLY A 366 -4.80 -6.43 -35.85
CA GLY A 366 -3.51 -7.04 -36.10
C GLY A 366 -3.61 -8.47 -36.60
N PHE A 367 -3.07 -9.41 -35.84
CA PHE A 367 -3.06 -10.80 -36.23
C PHE A 367 -3.64 -11.65 -35.11
N LEU A 368 -4.15 -12.82 -35.49
CA LEU A 368 -4.66 -13.80 -34.54
C LEU A 368 -3.73 -15.00 -34.53
N LYS A 369 -3.29 -15.40 -33.34
CA LYS A 369 -2.37 -16.52 -33.21
C LYS A 369 -2.90 -17.48 -32.15
N ILE A 370 -2.90 -18.77 -32.47
CA ILE A 370 -3.24 -19.83 -31.54
C ILE A 370 -2.00 -20.70 -31.42
N ARG A 371 -1.40 -20.71 -30.22
CA ARG A 371 -0.09 -21.33 -30.05
C ARG A 371 -0.11 -22.22 -28.81
N ARG A 372 0.10 -23.52 -29.01
CA ARG A 372 0.21 -24.48 -27.93
C ARG A 372 -1.01 -24.43 -27.00
N SER A 373 -2.19 -24.30 -27.59
CA SER A 373 -3.45 -24.31 -26.85
C SER A 373 -3.97 -25.73 -26.85
N TYR A 374 -3.67 -26.47 -25.78
CA TYR A 374 -4.01 -27.88 -25.72
C TYR A 374 -5.50 -28.11 -25.53
N ALA A 375 -6.17 -27.22 -24.78
CA ALA A 375 -7.56 -27.46 -24.41
C ALA A 375 -8.54 -27.20 -25.55
N LEU A 376 -8.22 -26.27 -26.45
CA LEU A 376 -9.17 -25.87 -27.47
C LEU A 376 -9.54 -27.04 -28.37
N VAL A 377 -10.84 -27.21 -28.62
CA VAL A 377 -11.35 -28.25 -29.49
C VAL A 377 -11.75 -27.62 -30.82
N SER A 378 -12.21 -26.38 -30.76
CA SER A 378 -12.57 -25.65 -31.97
C SER A 378 -12.55 -24.16 -31.65
N LEU A 379 -12.46 -23.35 -32.71
CA LEU A 379 -12.45 -21.89 -32.59
C LEU A 379 -13.83 -21.28 -32.66
N SER A 380 -14.87 -22.03 -32.27
CA SER A 380 -16.23 -21.53 -32.36
C SER A 380 -16.50 -20.35 -31.44
N PHE A 381 -15.69 -20.17 -30.38
CA PHE A 381 -15.96 -19.08 -29.45
C PHE A 381 -15.82 -17.72 -30.12
N PHE A 382 -15.07 -17.62 -31.22
CA PHE A 382 -15.03 -16.39 -32.01
C PHE A 382 -16.25 -16.35 -32.93
N ARG A 383 -17.43 -16.30 -32.30
CA ARG A 383 -18.69 -16.46 -33.03
C ARG A 383 -18.90 -15.34 -34.04
N LYS A 384 -18.62 -14.10 -33.66
CA LYS A 384 -18.92 -12.96 -34.50
C LYS A 384 -17.76 -12.49 -35.37
N LEU A 385 -16.61 -13.14 -35.29
CA LEU A 385 -15.44 -12.66 -36.00
C LEU A 385 -15.65 -12.74 -37.51
N HIS A 386 -15.48 -11.60 -38.19
CA HIS A 386 -15.67 -11.54 -39.64
C HIS A 386 -14.51 -10.91 -40.40
N LEU A 387 -13.58 -10.22 -39.74
CA LEU A 387 -12.53 -9.52 -40.48
C LEU A 387 -11.28 -9.44 -39.63
N ILE A 388 -10.15 -9.79 -40.22
CA ILE A 388 -8.83 -9.62 -39.61
C ILE A 388 -8.04 -8.68 -40.51
N ARG A 389 -7.78 -7.47 -40.04
CA ARG A 389 -7.16 -6.46 -40.88
C ARG A 389 -5.74 -6.86 -41.28
N GLY A 390 -4.96 -7.33 -40.32
CA GLY A 390 -3.57 -7.66 -40.58
C GLY A 390 -2.71 -6.46 -40.91
N GLU A 391 -2.88 -5.36 -40.19
CA GLU A 391 -2.00 -4.21 -40.38
C GLU A 391 -0.63 -4.44 -39.74
N THR A 392 -0.60 -5.08 -38.57
CA THR A 392 0.63 -5.47 -37.91
C THR A 392 0.73 -6.99 -37.95
N LEU A 393 1.89 -7.50 -38.34
CA LEU A 393 2.05 -8.92 -38.61
C LEU A 393 3.23 -9.48 -37.83
N GLU A 394 3.14 -10.77 -37.51
CA GLU A 394 4.27 -11.50 -36.98
C GLU A 394 5.36 -11.62 -38.04
N ILE A 395 6.61 -11.73 -37.60
CA ILE A 395 7.77 -11.81 -38.49
C ILE A 395 7.52 -12.87 -39.55
N GLY A 396 7.63 -12.49 -40.81
CA GLY A 396 7.25 -13.33 -41.92
C GLY A 396 5.90 -12.99 -42.54
N ASN A 397 5.27 -11.89 -42.12
CA ASN A 397 3.99 -11.44 -42.66
C ASN A 397 2.91 -12.51 -42.50
N TYR A 398 2.61 -12.83 -41.23
CA TYR A 398 1.59 -13.80 -40.89
C TYR A 398 0.45 -13.10 -40.16
N SER A 399 -0.77 -13.27 -40.67
CA SER A 399 -1.95 -12.73 -40.01
C SER A 399 -2.72 -13.78 -39.22
N PHE A 400 -2.71 -15.03 -39.66
CA PHE A 400 -3.29 -16.14 -38.90
C PHE A 400 -2.19 -17.14 -38.60
N TYR A 401 -1.93 -17.38 -37.32
CA TYR A 401 -0.85 -18.23 -36.86
C TYR A 401 -1.46 -19.38 -36.08
N ALA A 402 -1.04 -20.60 -36.37
CA ALA A 402 -1.51 -21.78 -35.65
C ALA A 402 -0.35 -22.73 -35.46
N LEU A 403 0.10 -22.92 -34.23
CA LEU A 403 1.29 -23.71 -33.95
C LEU A 403 1.02 -24.68 -32.81
N ASP A 404 1.16 -25.98 -33.10
CA ASP A 404 1.16 -27.05 -32.10
C ASP A 404 -0.13 -26.99 -31.27
N ASN A 405 -1.23 -27.26 -31.96
CA ASN A 405 -2.54 -27.39 -31.32
C ASN A 405 -2.90 -28.87 -31.31
N GLN A 406 -2.72 -29.51 -30.16
CA GLN A 406 -2.90 -30.94 -30.05
C GLN A 406 -4.35 -31.39 -30.25
N ASN A 407 -5.32 -30.48 -30.12
CA ASN A 407 -6.72 -30.89 -30.20
C ASN A 407 -7.57 -30.02 -31.11
N LEU A 408 -6.98 -29.13 -31.89
CA LEU A 408 -7.77 -28.30 -32.80
C LEU A 408 -8.36 -29.16 -33.90
N ARG A 409 -9.68 -29.28 -33.93
CA ARG A 409 -10.36 -30.12 -34.91
C ARG A 409 -11.17 -29.34 -35.94
N GLN A 410 -11.58 -28.12 -35.64
CA GLN A 410 -12.40 -27.33 -36.55
C GLN A 410 -12.18 -25.85 -36.29
N LEU A 411 -11.89 -25.10 -37.35
CA LEU A 411 -11.69 -23.66 -37.19
C LEU A 411 -13.02 -22.93 -37.10
N TRP A 412 -13.83 -23.00 -38.15
CA TRP A 412 -15.13 -22.36 -38.19
C TRP A 412 -16.02 -23.15 -39.13
N ASP A 413 -17.32 -23.23 -38.79
CA ASP A 413 -18.25 -23.95 -39.64
C ASP A 413 -18.50 -23.12 -40.90
N TRP A 414 -17.73 -23.41 -41.95
CA TRP A 414 -17.71 -22.55 -43.14
C TRP A 414 -19.00 -22.57 -43.92
N SER A 415 -19.91 -23.50 -43.63
CA SER A 415 -21.22 -23.48 -44.29
C SER A 415 -22.08 -22.34 -43.75
N LYS A 416 -21.84 -21.90 -42.52
CA LYS A 416 -22.62 -20.85 -41.89
C LYS A 416 -21.82 -19.60 -41.55
N HIS A 417 -20.51 -19.70 -41.41
CA HIS A 417 -19.66 -18.60 -40.98
C HIS A 417 -18.93 -17.98 -42.18
N ASN A 418 -18.51 -16.74 -41.99
CA ASN A 418 -17.78 -16.01 -43.02
C ASN A 418 -16.61 -15.28 -42.38
N LEU A 419 -15.57 -15.05 -43.19
CA LEU A 419 -14.36 -14.40 -42.69
C LEU A 419 -13.60 -13.83 -43.88
N THR A 420 -12.75 -12.84 -43.58
CA THR A 420 -11.93 -12.20 -44.61
C THR A 420 -10.68 -11.63 -43.96
N ILE A 421 -9.52 -11.95 -44.53
CA ILE A 421 -8.23 -11.47 -44.04
C ILE A 421 -7.67 -10.50 -45.08
N THR A 422 -7.54 -9.23 -44.68
CA THR A 422 -7.11 -8.21 -45.64
C THR A 422 -5.65 -8.35 -46.00
N GLN A 423 -4.78 -8.52 -45.00
CA GLN A 423 -3.34 -8.56 -45.22
C GLN A 423 -2.73 -9.74 -44.46
N GLY A 424 -1.55 -10.15 -44.90
CA GLY A 424 -0.82 -11.23 -44.26
C GLY A 424 -1.10 -12.59 -44.87
N LYS A 425 -0.36 -13.58 -44.38
CA LYS A 425 -0.46 -14.95 -44.85
C LYS A 425 -0.91 -15.87 -43.71
N LEU A 426 -1.09 -17.14 -44.02
CA LEU A 426 -1.46 -18.16 -43.05
C LEU A 426 -0.23 -18.98 -42.66
N PHE A 427 -0.34 -19.64 -41.51
CA PHE A 427 0.76 -20.47 -41.02
C PHE A 427 0.16 -21.56 -40.11
N PHE A 428 0.10 -22.78 -40.63
CA PHE A 428 -0.41 -23.93 -39.89
C PHE A 428 0.70 -24.96 -39.75
N HIS A 429 1.02 -25.32 -38.51
CA HIS A 429 2.09 -26.28 -38.26
C HIS A 429 1.75 -27.08 -37.01
N TYR A 430 2.05 -28.38 -37.07
CA TYR A 430 1.87 -29.29 -35.93
C TYR A 430 0.44 -29.28 -35.41
N ASN A 431 -0.53 -29.28 -36.32
CA ASN A 431 -1.93 -29.46 -35.96
C ASN A 431 -2.35 -30.88 -36.34
N PRO A 432 -2.20 -31.85 -35.43
CA PRO A 432 -2.44 -33.24 -35.82
C PRO A 432 -3.86 -33.54 -36.25
N LYS A 433 -4.85 -32.85 -35.69
CA LYS A 433 -6.25 -33.19 -35.91
C LYS A 433 -6.97 -32.14 -36.76
N LEU A 434 -6.28 -31.53 -37.71
CA LEU A 434 -6.85 -30.51 -38.58
C LEU A 434 -6.73 -30.98 -40.02
N CYS A 435 -7.84 -31.42 -40.60
CA CYS A 435 -7.82 -31.92 -41.97
C CYS A 435 -7.42 -30.81 -42.93
N LEU A 436 -6.68 -31.18 -43.98
CA LEU A 436 -6.27 -30.21 -44.98
C LEU A 436 -7.45 -29.60 -45.70
N SER A 437 -8.61 -30.29 -45.71
CA SER A 437 -9.80 -29.72 -46.32
C SER A 437 -10.22 -28.44 -45.60
N GLU A 438 -10.15 -28.44 -44.27
CA GLU A 438 -10.51 -27.23 -43.53
C GLU A 438 -9.58 -26.08 -43.85
N ILE A 439 -8.28 -26.33 -43.92
CA ILE A 439 -7.33 -25.28 -44.21
C ILE A 439 -7.53 -24.74 -45.63
N HIS A 440 -7.77 -25.64 -46.59
CA HIS A 440 -8.01 -25.18 -47.96
C HIS A 440 -9.31 -24.40 -48.07
N LYS A 441 -10.34 -24.82 -47.33
CA LYS A 441 -11.59 -24.06 -47.31
C LYS A 441 -11.40 -22.68 -46.70
N MET A 442 -10.58 -22.59 -45.65
CA MET A 442 -10.26 -21.28 -45.08
C MET A 442 -9.51 -20.42 -46.09
N GLU A 443 -8.57 -21.01 -46.83
CA GLU A 443 -7.86 -20.27 -47.87
C GLU A 443 -8.83 -19.76 -48.93
N GLU A 444 -9.80 -20.59 -49.32
CA GLU A 444 -10.79 -20.17 -50.32
C GLU A 444 -11.64 -19.02 -49.78
N VAL A 445 -12.13 -19.15 -48.55
CA VAL A 445 -13.06 -18.17 -48.00
C VAL A 445 -12.36 -16.84 -47.77
N SER A 446 -11.19 -16.86 -47.12
CA SER A 446 -10.50 -15.63 -46.79
C SER A 446 -9.97 -14.91 -48.01
N GLY A 447 -9.86 -15.59 -49.15
CA GLY A 447 -9.34 -14.97 -50.36
C GLY A 447 -7.83 -14.86 -50.41
N THR A 448 -7.11 -15.51 -49.51
CA THR A 448 -5.65 -15.46 -49.47
C THR A 448 -5.01 -16.64 -50.21
N LYS A 449 -5.67 -17.16 -51.24
CA LYS A 449 -5.16 -18.32 -51.95
C LYS A 449 -3.84 -18.01 -52.65
N GLY A 450 -3.75 -16.84 -53.28
CA GLY A 450 -2.58 -16.50 -54.07
C GLY A 450 -1.47 -15.87 -53.24
N ARG A 451 -1.62 -15.90 -51.92
CA ARG A 451 -0.67 -15.28 -51.02
C ARG A 451 0.32 -16.27 -50.42
N GLN A 452 -0.13 -17.47 -50.05
CA GLN A 452 0.76 -18.45 -49.43
C GLN A 452 1.85 -18.89 -50.40
N GLU A 453 3.03 -19.13 -49.86
CA GLU A 453 4.16 -19.67 -50.60
C GLU A 453 4.50 -21.06 -50.07
N ARG A 454 5.58 -21.63 -50.59
CA ARG A 454 6.00 -22.94 -50.13
C ARG A 454 6.43 -22.88 -48.67
N ASN A 455 6.17 -23.97 -47.95
CA ASN A 455 6.49 -24.09 -46.53
C ASN A 455 5.77 -23.06 -45.68
N ASP A 456 4.59 -22.63 -46.13
CA ASP A 456 3.74 -21.74 -45.35
C ASP A 456 2.62 -22.48 -44.64
N ILE A 457 1.94 -23.37 -45.34
CA ILE A 457 1.00 -24.32 -44.74
C ILE A 457 1.66 -25.69 -44.80
N ALA A 458 2.02 -26.22 -43.62
CA ALA A 458 2.71 -27.50 -43.57
C ALA A 458 1.84 -28.60 -44.14
N LEU A 459 2.44 -29.48 -44.93
CA LEU A 459 1.70 -30.46 -45.71
C LEU A 459 1.45 -31.75 -44.93
N LYS A 460 2.51 -32.42 -44.47
CA LYS A 460 2.40 -33.76 -43.93
C LYS A 460 2.55 -33.81 -42.41
N THR A 461 2.31 -32.69 -41.72
CA THR A 461 2.18 -32.69 -40.27
C THR A 461 0.86 -32.07 -39.84
N ASN A 462 -0.17 -32.22 -40.68
CA ASN A 462 -1.52 -31.78 -40.37
C ASN A 462 -2.49 -32.91 -40.71
N GLY A 463 -3.57 -32.99 -39.93
CA GLY A 463 -4.63 -33.95 -40.23
C GLY A 463 -4.24 -35.40 -40.11
N ASP A 464 -3.54 -35.78 -39.04
CA ASP A 464 -3.20 -37.18 -38.81
C ASP A 464 -3.87 -37.69 -37.54
N GLN B 465 5.86 -35.03 -36.14
CA GLN B 465 4.76 -34.72 -35.23
C GLN B 465 5.24 -34.72 -33.79
N ALA B 466 6.21 -35.58 -33.48
CA ALA B 466 6.78 -35.69 -32.15
C ALA B 466 8.19 -35.11 -32.13
N SER B 467 8.72 -34.98 -30.92
CA SER B 467 10.06 -34.44 -30.71
C SER B 467 11.06 -35.58 -30.67
N CYS B 468 11.86 -35.70 -31.72
CA CYS B 468 12.87 -36.75 -31.84
C CYS B 468 14.23 -36.12 -32.15
N GLU B 469 14.58 -35.08 -31.41
CA GLU B 469 15.86 -34.40 -31.62
C GLU B 469 17.01 -35.33 -31.27
N ASN B 470 17.99 -35.42 -32.16
CA ASN B 470 19.12 -36.34 -32.01
C ASN B 470 20.43 -35.65 -31.69
N GLU B 471 20.68 -34.47 -32.26
CA GLU B 471 21.93 -33.77 -32.02
C GLU B 471 21.88 -33.09 -30.65
N LEU B 472 22.88 -32.28 -30.34
CA LEU B 472 23.02 -31.74 -29.00
C LEU B 472 23.31 -30.25 -29.04
N LEU B 473 22.71 -29.52 -28.11
CA LEU B 473 22.99 -28.11 -27.87
C LEU B 473 23.72 -27.97 -26.53
N LYS B 474 24.59 -26.97 -26.45
CA LYS B 474 25.39 -26.76 -25.26
C LYS B 474 25.30 -25.31 -24.81
N PHE B 475 25.16 -25.11 -23.50
CA PHE B 475 25.17 -23.77 -22.94
C PHE B 475 26.61 -23.30 -22.75
N SER B 476 26.86 -22.04 -23.10
CA SER B 476 28.20 -21.49 -23.04
C SER B 476 28.30 -20.22 -22.19
N PHE B 477 27.20 -19.72 -21.65
CA PHE B 477 27.23 -18.50 -20.85
C PHE B 477 25.98 -18.45 -20.00
N ILE B 478 26.14 -18.44 -18.68
CA ILE B 478 25.03 -18.35 -17.76
C ILE B 478 25.36 -17.29 -16.72
N ARG B 479 24.50 -16.28 -16.59
CA ARG B 479 24.73 -15.21 -15.62
C ARG B 479 23.44 -14.93 -14.88
N THR B 480 23.48 -15.02 -13.55
CA THR B 480 22.30 -14.91 -12.73
C THR B 480 22.22 -13.54 -12.07
N SER B 481 21.05 -13.26 -11.51
CA SER B 481 20.82 -12.11 -10.66
C SER B 481 19.89 -12.54 -9.54
N PHE B 482 19.39 -11.58 -8.78
CA PHE B 482 18.48 -11.95 -7.69
C PHE B 482 17.11 -12.34 -8.23
N ASP B 483 16.70 -11.83 -9.39
CA ASP B 483 15.45 -12.28 -9.99
C ASP B 483 15.49 -12.43 -11.52
N LYS B 484 16.66 -12.41 -12.14
CA LYS B 484 16.80 -12.60 -13.57
C LYS B 484 17.86 -13.65 -13.85
N ILE B 485 17.74 -14.30 -15.01
CA ILE B 485 18.76 -15.24 -15.48
C ILE B 485 18.98 -15.01 -16.96
N LEU B 486 20.25 -14.91 -17.38
CA LEU B 486 20.60 -14.72 -18.77
C LEU B 486 21.38 -15.94 -19.24
N LEU B 487 20.89 -16.58 -20.30
CA LEU B 487 21.55 -17.75 -20.86
C LEU B 487 21.92 -17.54 -22.32
N ARG B 488 22.98 -18.23 -22.73
CA ARG B 488 23.40 -18.32 -24.12
C ARG B 488 23.68 -19.78 -24.43
N TRP B 489 23.63 -20.11 -25.73
CA TRP B 489 23.96 -21.45 -26.17
C TRP B 489 24.59 -21.37 -27.56
N GLU B 490 25.26 -22.44 -27.94
CA GLU B 490 25.97 -22.43 -29.22
C GLU B 490 24.97 -22.33 -30.37
N PRO B 491 25.31 -21.63 -31.44
CA PRO B 491 24.38 -21.48 -32.55
C PRO B 491 24.12 -22.80 -33.25
N TYR B 492 22.91 -22.93 -33.78
CA TYR B 492 22.51 -24.11 -34.53
C TYR B 492 21.90 -23.71 -35.85
N TRP B 493 22.23 -24.45 -36.90
CA TRP B 493 21.66 -24.22 -38.22
C TRP B 493 21.55 -25.54 -38.97
N PRO B 494 20.34 -26.00 -39.28
CA PRO B 494 20.18 -27.22 -40.08
C PRO B 494 20.78 -27.03 -41.47
N PRO B 495 20.93 -28.11 -42.24
CA PRO B 495 21.49 -27.96 -43.59
C PRO B 495 20.73 -26.96 -44.45
N ASP B 496 19.41 -26.91 -44.33
CA ASP B 496 18.60 -25.86 -44.92
C ASP B 496 18.23 -24.88 -43.82
N PHE B 497 18.78 -23.68 -43.87
CA PHE B 497 18.60 -22.72 -42.79
C PHE B 497 17.17 -22.21 -42.68
N ARG B 498 16.32 -22.44 -43.68
CA ARG B 498 14.93 -22.00 -43.61
C ARG B 498 14.08 -22.91 -42.75
N ASP B 499 14.56 -24.11 -42.41
CA ASP B 499 13.77 -25.05 -41.63
C ASP B 499 13.65 -24.68 -40.16
N LEU B 500 14.48 -23.76 -39.67
CA LEU B 500 14.47 -23.37 -38.26
C LEU B 500 13.35 -22.37 -38.04
N LEU B 501 12.35 -22.75 -37.25
CA LEU B 501 11.26 -21.84 -36.90
C LEU B 501 11.50 -21.12 -35.59
N GLY B 502 12.61 -21.39 -34.90
CA GLY B 502 12.95 -20.75 -33.65
C GLY B 502 13.35 -21.77 -32.62
N PHE B 503 13.52 -21.29 -31.39
CA PHE B 503 13.91 -22.13 -30.27
C PHE B 503 12.78 -22.16 -29.24
N MET B 504 12.78 -23.20 -28.42
CA MET B 504 11.86 -23.31 -27.30
C MET B 504 12.67 -23.53 -26.03
N LEU B 505 12.36 -22.75 -25.00
CA LEU B 505 13.10 -22.76 -23.75
C LEU B 505 12.16 -23.17 -22.63
N PHE B 506 12.42 -24.32 -22.03
CA PHE B 506 11.62 -24.83 -20.92
C PHE B 506 12.35 -24.52 -19.62
N TYR B 507 11.61 -24.02 -18.63
CA TYR B 507 12.19 -23.81 -17.32
C TYR B 507 11.12 -23.98 -16.25
N LYS B 508 11.49 -24.64 -15.16
CA LYS B 508 10.58 -24.89 -14.06
C LYS B 508 11.35 -24.83 -12.75
N GLU B 509 10.63 -24.64 -11.66
CA GLU B 509 11.24 -24.57 -10.33
C GLU B 509 11.46 -26.00 -9.83
N ALA B 510 12.72 -26.40 -9.71
CA ALA B 510 13.10 -27.76 -9.32
C ALA B 510 13.92 -27.71 -8.03
N PRO B 511 13.27 -27.86 -6.87
CA PRO B 511 14.03 -27.88 -5.62
C PRO B 511 15.03 -29.02 -5.52
N TYR B 512 14.74 -30.15 -6.16
CA TYR B 512 15.63 -31.30 -6.14
C TYR B 512 16.12 -31.59 -7.56
N GLN B 513 17.32 -32.14 -7.66
CA GLN B 513 17.96 -32.38 -8.95
C GLN B 513 17.55 -33.70 -9.59
N ASN B 514 16.46 -34.31 -9.14
CA ASN B 514 15.95 -35.53 -9.75
C ASN B 514 14.84 -35.21 -10.77
N VAL B 515 15.21 -34.41 -11.76
CA VAL B 515 14.25 -34.02 -12.79
C VAL B 515 14.63 -34.64 -14.14
N VAL B 531 7.39 -22.66 -20.70
CA VAL B 531 7.77 -22.68 -22.11
C VAL B 531 7.83 -21.26 -22.67
N VAL B 532 8.93 -20.93 -23.34
CA VAL B 532 9.12 -19.63 -23.95
C VAL B 532 9.59 -19.84 -25.38
N ASP B 533 8.98 -19.14 -26.32
CA ASP B 533 9.34 -19.24 -27.73
C ASP B 533 10.28 -18.10 -28.09
N ILE B 534 11.38 -18.44 -28.78
CA ILE B 534 12.44 -17.49 -29.12
C ILE B 534 12.58 -17.46 -30.63
N ASP B 535 12.55 -16.26 -31.19
CA ASP B 535 12.69 -16.10 -32.63
C ASP B 535 14.09 -16.52 -33.08
N PRO B 536 14.22 -17.01 -34.31
CA PRO B 536 15.54 -17.41 -34.79
C PRO B 536 16.46 -16.20 -34.91
N PRO B 537 17.75 -16.38 -34.66
CA PRO B 537 18.71 -15.29 -34.86
C PRO B 537 18.89 -14.96 -36.33
N GLN B 538 19.41 -13.76 -36.58
CA GLN B 538 19.69 -13.35 -37.95
C GLN B 538 20.86 -14.16 -38.52
N ARG B 539 20.93 -14.19 -39.84
CA ARG B 539 21.99 -14.90 -40.53
C ARG B 539 23.07 -13.94 -41.01
N SER B 549 25.85 -13.93 -33.30
CA SER B 549 26.37 -15.29 -33.26
C SER B 549 25.63 -16.14 -32.24
N HIS B 550 26.07 -16.06 -30.99
CA HIS B 550 25.46 -16.85 -29.92
C HIS B 550 24.11 -16.26 -29.54
N PRO B 551 23.02 -16.99 -29.67
CA PRO B 551 21.72 -16.49 -29.22
C PRO B 551 21.61 -16.56 -27.71
N GLY B 552 20.55 -15.99 -27.18
CA GLY B 552 20.38 -15.98 -25.73
C GLY B 552 18.98 -15.58 -25.34
N TRP B 553 18.72 -15.68 -24.03
CA TRP B 553 17.44 -15.31 -23.48
C TRP B 553 17.61 -14.85 -22.05
N LEU B 554 16.60 -14.15 -21.53
CA LEU B 554 16.65 -13.57 -20.19
C LEU B 554 15.30 -13.73 -19.51
N MET B 555 15.28 -14.51 -18.43
CA MET B 555 14.08 -14.66 -17.61
C MET B 555 14.06 -13.60 -16.51
N ARG B 556 12.88 -13.05 -16.28
CA ARG B 556 12.71 -11.90 -15.39
C ARG B 556 11.82 -12.14 -14.17
N GLY B 557 10.92 -13.12 -14.21
CA GLY B 557 9.96 -13.27 -13.13
C GLY B 557 10.32 -14.32 -12.10
N LEU B 558 11.61 -14.56 -11.90
CA LEU B 558 12.07 -15.65 -11.04
C LEU B 558 12.22 -15.19 -9.59
N LYS B 559 11.87 -16.08 -8.67
CA LYS B 559 12.04 -15.82 -7.25
C LYS B 559 13.52 -15.94 -6.86
N PRO B 560 13.95 -15.21 -5.85
CA PRO B 560 15.35 -15.30 -5.40
C PRO B 560 15.58 -16.52 -4.53
N TRP B 561 16.82 -17.02 -4.58
CA TRP B 561 17.25 -18.20 -3.83
C TRP B 561 16.38 -19.41 -4.15
N THR B 562 16.24 -19.69 -5.44
CA THR B 562 15.53 -20.87 -5.90
C THR B 562 16.35 -21.54 -7.00
N GLN B 563 16.10 -22.83 -7.21
CA GLN B 563 16.78 -23.61 -8.22
C GLN B 563 15.84 -23.88 -9.37
N TYR B 564 16.31 -23.63 -10.59
CA TYR B 564 15.51 -23.78 -11.80
C TYR B 564 16.17 -24.80 -12.72
N ALA B 565 15.35 -25.66 -13.30
CA ALA B 565 15.80 -26.59 -14.33
C ALA B 565 15.49 -26.01 -15.70
N ILE B 566 16.50 -25.90 -16.54
CA ILE B 566 16.39 -25.23 -17.83
C ILE B 566 16.99 -26.11 -18.90
N PHE B 567 16.29 -26.22 -20.04
CA PHE B 567 16.86 -26.84 -21.22
C PHE B 567 16.20 -26.24 -22.45
N VAL B 568 16.96 -26.21 -23.55
CA VAL B 568 16.54 -25.54 -24.77
C VAL B 568 16.40 -26.59 -25.86
N LYS B 569 15.25 -26.58 -26.54
CA LYS B 569 14.96 -27.51 -27.61
C LYS B 569 14.64 -26.73 -28.88
N THR B 570 15.23 -27.13 -29.99
CA THR B 570 15.02 -26.44 -31.25
C THR B 570 13.65 -26.77 -31.82
N LEU B 571 13.23 -25.96 -32.80
CA LEU B 571 11.97 -26.19 -33.51
C LEU B 571 12.26 -26.15 -35.00
N VAL B 572 12.08 -27.29 -35.66
CA VAL B 572 12.40 -27.41 -37.08
C VAL B 572 11.13 -27.68 -37.88
N THR B 573 11.27 -27.77 -39.19
CA THR B 573 10.14 -28.00 -40.09
C THR B 573 10.30 -29.35 -40.76
N PHE B 574 9.21 -30.12 -40.81
CA PHE B 574 9.23 -31.42 -41.46
C PHE B 574 9.28 -31.24 -42.97
N SER B 575 10.49 -31.27 -43.54
CA SER B 575 10.69 -30.97 -44.94
C SER B 575 10.24 -32.13 -45.82
N ASP B 576 10.34 -31.94 -47.13
CA ASP B 576 9.96 -32.96 -48.11
C ASP B 576 11.00 -34.07 -48.25
N GLU B 577 12.13 -33.95 -47.58
CA GLU B 577 13.20 -34.94 -47.61
C GLU B 577 13.36 -35.54 -46.22
N ARG B 578 14.41 -36.33 -46.05
CA ARG B 578 14.73 -36.90 -44.75
C ARG B 578 14.83 -35.79 -43.70
N ARG B 579 13.93 -35.85 -42.72
CA ARG B 579 13.73 -34.73 -41.81
C ARG B 579 15.00 -34.43 -41.02
N THR B 580 15.31 -33.14 -40.90
CA THR B 580 16.37 -32.67 -40.00
C THR B 580 15.77 -32.58 -38.61
N TYR B 581 16.06 -33.58 -37.77
CA TYR B 581 15.39 -33.70 -36.48
C TYR B 581 15.73 -32.55 -35.53
N GLY B 582 16.83 -31.85 -35.77
CA GLY B 582 17.22 -30.78 -34.89
C GLY B 582 17.92 -31.30 -33.65
N ALA B 583 18.13 -30.38 -32.70
CA ALA B 583 18.89 -30.69 -31.50
C ALA B 583 18.20 -30.09 -30.28
N LYS B 584 18.44 -30.73 -29.14
CA LYS B 584 18.03 -30.18 -27.85
C LYS B 584 19.21 -30.28 -26.90
N SER B 585 19.07 -29.73 -25.70
CA SER B 585 20.15 -29.66 -24.74
C SER B 585 19.79 -30.42 -23.47
N ASP B 586 20.81 -30.78 -22.71
CA ASP B 586 20.59 -31.45 -21.44
C ASP B 586 19.92 -30.50 -20.46
N ILE B 587 19.33 -31.07 -19.42
CA ILE B 587 18.73 -30.28 -18.36
C ILE B 587 19.84 -29.76 -17.46
N ILE B 588 19.91 -28.44 -17.32
CA ILE B 588 20.89 -27.81 -16.44
C ILE B 588 20.13 -27.16 -15.28
N TYR B 589 20.86 -26.92 -14.19
CA TYR B 589 20.27 -26.36 -12.99
C TYR B 589 20.96 -25.04 -12.67
N VAL B 590 20.17 -23.99 -12.49
CA VAL B 590 20.68 -22.65 -12.24
C VAL B 590 20.01 -22.11 -10.99
N GLN B 591 20.80 -21.53 -10.09
CA GLN B 591 20.28 -20.98 -8.85
C GLN B 591 20.41 -19.46 -8.87
N THR B 592 19.31 -18.77 -8.61
CA THR B 592 19.31 -17.32 -8.56
C THR B 592 19.95 -16.85 -7.25
N ASP B 593 20.42 -15.60 -7.27
CA ASP B 593 21.14 -15.03 -6.13
C ASP B 593 20.14 -14.71 -5.01
N ALA B 594 20.64 -14.10 -3.94
CA ALA B 594 19.83 -13.76 -2.78
C ALA B 594 19.67 -12.24 -2.69
N THR B 595 18.68 -11.82 -1.91
CA THR B 595 18.37 -10.41 -1.73
C THR B 595 18.09 -10.17 -0.25
N ASN B 596 17.69 -8.94 0.07
CA ASN B 596 17.37 -8.59 1.44
C ASN B 596 16.15 -9.39 1.91
N PRO B 597 16.26 -10.14 3.01
CA PRO B 597 15.11 -10.93 3.47
C PRO B 597 13.92 -10.09 3.88
N SER B 598 12.82 -10.75 4.22
CA SER B 598 11.61 -10.05 4.65
C SER B 598 11.70 -9.71 6.13
N VAL B 599 10.76 -8.88 6.57
CA VAL B 599 10.75 -8.43 7.97
C VAL B 599 10.34 -9.60 8.87
N PRO B 600 11.02 -9.83 9.99
CA PRO B 600 10.56 -10.85 10.94
C PRO B 600 9.16 -10.52 11.43
N LEU B 601 8.33 -11.55 11.54
CA LEU B 601 6.92 -11.36 11.82
C LEU B 601 6.56 -11.89 13.20
N ASP B 602 5.51 -11.30 13.78
CA ASP B 602 5.00 -11.60 15.11
C ASP B 602 6.05 -11.41 16.19
N PRO B 603 6.49 -10.17 16.47
CA PRO B 603 7.35 -9.95 17.64
C PRO B 603 6.53 -9.69 18.89
N ILE B 604 6.80 -10.45 19.95
CA ILE B 604 6.07 -10.35 21.20
C ILE B 604 7.08 -10.14 22.33
N SER B 605 6.89 -9.08 23.11
CA SER B 605 7.76 -8.75 24.23
C SER B 605 6.97 -8.83 25.52
N VAL B 606 7.46 -9.63 26.48
CA VAL B 606 6.80 -9.83 27.76
C VAL B 606 7.84 -9.60 28.86
N SER B 607 7.49 -8.79 29.85
CA SER B 607 8.39 -8.48 30.95
C SER B 607 8.00 -9.34 32.14
N ASN B 608 8.65 -10.51 32.28
CA ASN B 608 8.34 -11.39 33.39
C ASN B 608 8.92 -10.86 34.70
N SER B 609 10.15 -10.40 34.68
CA SER B 609 10.83 -9.89 35.86
C SER B 609 10.84 -8.37 35.85
N SER B 610 11.55 -7.77 36.79
CA SER B 610 11.65 -6.33 36.90
C SER B 610 12.81 -5.75 36.09
N SER B 611 13.65 -6.60 35.49
CA SER B 611 14.77 -6.11 34.71
C SER B 611 15.03 -6.89 33.43
N GLN B 612 14.19 -7.86 33.09
CA GLN B 612 14.41 -8.70 31.92
C GLN B 612 13.17 -8.66 31.02
N ILE B 613 13.41 -8.59 29.71
CA ILE B 613 12.35 -8.61 28.71
C ILE B 613 12.54 -9.83 27.83
N ILE B 614 11.56 -10.72 27.82
CA ILE B 614 11.59 -11.90 26.97
C ILE B 614 10.96 -11.53 25.63
N LEU B 615 11.74 -11.64 24.56
CA LEU B 615 11.31 -11.28 23.22
C LEU B 615 11.26 -12.53 22.37
N LYS B 616 10.13 -12.75 21.71
CA LYS B 616 9.94 -13.91 20.84
C LYS B 616 9.48 -13.44 19.47
N TRP B 617 9.84 -14.19 18.45
CA TRP B 617 9.41 -13.87 17.09
C TRP B 617 9.48 -15.12 16.23
N LYS B 618 8.83 -15.05 15.08
CA LYS B 618 8.83 -16.13 14.11
C LYS B 618 9.69 -15.76 12.91
N PRO B 619 10.28 -16.73 12.23
CA PRO B 619 11.14 -16.40 11.09
C PRO B 619 10.33 -15.73 9.99
N PRO B 620 10.96 -14.86 9.21
CA PRO B 620 10.24 -14.16 8.15
C PRO B 620 9.70 -15.12 7.10
N SER B 621 8.55 -14.76 6.53
CA SER B 621 7.89 -15.62 5.56
C SER B 621 8.64 -15.69 4.23
N ASP B 622 9.54 -14.75 3.98
CA ASP B 622 10.28 -14.69 2.72
C ASP B 622 11.77 -14.56 3.02
N PRO B 623 12.42 -15.66 3.44
CA PRO B 623 13.82 -15.57 3.84
C PRO B 623 14.76 -15.08 2.76
N ASN B 624 14.49 -15.41 1.49
CA ASN B 624 15.33 -15.00 0.36
C ASN B 624 16.79 -15.43 0.57
N GLY B 625 17.00 -16.51 1.30
CA GLY B 625 18.34 -16.98 1.57
C GLY B 625 18.39 -17.69 2.91
N ASN B 626 19.59 -18.11 3.27
CA ASN B 626 19.82 -18.79 4.54
C ASN B 626 19.98 -17.73 5.63
N ILE B 627 18.98 -17.61 6.50
CA ILE B 627 18.99 -16.58 7.54
C ILE B 627 20.08 -16.90 8.56
N THR B 628 21.17 -16.14 8.51
CA THR B 628 22.29 -16.41 9.39
C THR B 628 21.97 -16.04 10.83
N HIS B 629 21.43 -14.84 11.05
CA HIS B 629 21.28 -14.36 12.42
C HIS B 629 20.32 -13.18 12.45
N TYR B 630 19.70 -12.99 13.61
CA TYR B 630 18.84 -11.84 13.84
C TYR B 630 19.59 -10.78 14.61
N LEU B 631 19.22 -9.52 14.38
CA LEU B 631 19.84 -8.36 15.01
C LEU B 631 18.79 -7.65 15.84
N VAL B 632 19.06 -7.48 17.14
CA VAL B 632 18.10 -6.86 18.05
C VAL B 632 18.77 -5.64 18.69
N TYR B 633 18.19 -4.47 18.47
CA TYR B 633 18.61 -3.23 19.11
C TYR B 633 17.58 -2.86 20.16
N TRP B 634 18.02 -2.25 21.26
CA TRP B 634 17.04 -1.81 22.25
C TRP B 634 17.44 -0.45 22.78
N GLU B 635 16.46 0.42 22.97
CA GLU B 635 16.74 1.80 23.36
C GLU B 635 15.80 2.21 24.48
N ARG B 636 16.36 2.90 25.48
CA ARG B 636 15.58 3.37 26.61
C ARG B 636 14.89 4.68 26.26
N GLN B 637 13.57 4.72 26.42
CA GLN B 637 12.78 5.90 26.09
C GLN B 637 12.50 6.68 27.37
N ALA B 638 12.86 7.96 27.37
CA ALA B 638 12.67 8.79 28.54
C ALA B 638 11.19 9.06 28.76
N GLU B 639 10.84 9.39 30.01
CA GLU B 639 9.46 9.69 30.35
C GLU B 639 9.02 11.00 29.69
N ASP B 640 7.72 11.13 29.49
CA ASP B 640 7.17 12.31 28.84
C ASP B 640 7.52 13.57 29.63
N SER B 641 8.03 14.58 28.93
CA SER B 641 8.40 15.83 29.60
C SER B 641 7.18 16.60 30.08
N GLU B 642 6.00 16.31 29.55
CA GLU B 642 4.79 16.99 30.01
C GLU B 642 4.40 16.54 31.42
N LEU B 643 4.59 15.25 31.72
CA LEU B 643 4.22 14.73 33.02
C LEU B 643 5.09 15.26 34.14
N PHE B 644 6.23 15.88 33.81
CA PHE B 644 7.13 16.39 34.83
C PHE B 644 6.68 17.73 35.41
N GLU B 645 5.73 18.41 34.77
CA GLU B 645 5.30 19.74 35.21
C GLU B 645 3.77 19.83 35.21
N LEU B 646 3.12 18.83 35.80
CA LEU B 646 1.67 18.80 35.91
C LEU B 646 1.27 18.58 37.37
N ASP B 647 0.35 19.43 37.85
CA ASP B 647 -0.22 19.29 39.19
C ASP B 647 -1.34 18.27 39.10
N TYR B 648 -1.29 17.22 39.91
CA TYR B 648 -2.12 16.08 39.58
C TYR B 648 -3.37 15.98 40.46
N CYS B 649 -3.30 16.42 41.72
CA CYS B 649 -4.48 16.37 42.58
C CYS B 649 -5.53 17.40 42.20
N LEU B 650 -5.23 18.30 41.27
CA LEU B 650 -6.28 19.13 40.67
C LEU B 650 -7.26 18.25 39.90
N LYS B 651 -8.41 18.82 39.58
CA LYS B 651 -9.42 18.06 38.84
C LYS B 651 -8.87 17.65 37.49
N GLY B 652 -8.91 16.35 37.21
CA GLY B 652 -8.23 15.79 36.06
C GLY B 652 -7.14 14.83 36.49
N LEU B 653 -7.39 14.14 37.62
CA LEU B 653 -6.41 13.28 38.26
C LEU B 653 -6.42 11.85 37.75
N LYS B 654 -6.92 11.63 36.53
CA LYS B 654 -6.97 10.27 35.97
C LYS B 654 -5.61 9.94 35.36
N LEU B 655 -4.75 9.34 36.19
CA LEU B 655 -3.45 8.90 35.73
C LEU B 655 -3.58 7.61 34.92
N PRO B 656 -2.91 7.51 33.77
CA PRO B 656 -2.85 6.21 33.08
C PRO B 656 -2.14 5.17 33.93
N SER B 657 -2.73 3.97 33.97
CA SER B 657 -2.20 2.88 34.80
C SER B 657 -1.07 2.18 34.04
N ARG B 658 0.03 2.89 33.89
CA ARG B 658 1.20 2.37 33.18
C ARG B 658 1.81 1.18 33.91
N LYS B 696 -16.46 -10.79 5.09
CA LYS B 696 -15.74 -9.57 4.71
C LYS B 696 -14.26 -9.69 5.04
N GLU B 697 -13.83 -10.89 5.42
CA GLU B 697 -12.41 -11.12 5.70
C GLU B 697 -11.56 -10.96 4.44
N LEU B 698 -12.15 -11.11 3.26
CA LEU B 698 -11.37 -10.98 2.03
C LEU B 698 -10.84 -9.56 1.88
N GLU B 699 -11.63 -8.55 2.25
CA GLU B 699 -11.17 -7.17 2.16
C GLU B 699 -9.96 -6.94 3.04
N GLU B 700 -10.01 -7.41 4.30
CA GLU B 700 -8.88 -7.21 5.20
C GLU B 700 -7.67 -7.99 4.75
N SER B 701 -7.88 -9.21 4.25
CA SER B 701 -6.75 -10.02 3.76
C SER B 701 -6.09 -9.35 2.56
N SER B 702 -6.87 -8.82 1.62
CA SER B 702 -6.31 -8.12 0.48
C SER B 702 -5.61 -6.83 0.90
N PHE B 703 -6.17 -6.14 1.90
CA PHE B 703 -5.52 -4.96 2.45
C PHE B 703 -4.13 -5.28 2.97
N ARG B 704 -4.03 -6.31 3.82
CA ARG B 704 -2.74 -6.68 4.39
C ARG B 704 -1.79 -7.22 3.32
N LYS B 705 -2.33 -7.96 2.35
CA LYS B 705 -1.50 -8.45 1.26
C LYS B 705 -0.92 -7.30 0.45
N THR B 706 -1.71 -6.28 0.16
CA THR B 706 -1.22 -5.11 -0.55
C THR B 706 -0.14 -4.40 0.25
N PHE B 707 -0.34 -4.28 1.56
CA PHE B 707 0.63 -3.54 2.36
C PHE B 707 1.93 -4.31 2.55
N GLU B 708 1.87 -5.64 2.61
CA GLU B 708 3.12 -6.42 2.64
C GLU B 708 3.78 -6.47 1.27
N ASP B 709 3.00 -6.39 0.19
CA ASP B 709 3.57 -6.37 -1.14
C ASP B 709 4.19 -5.02 -1.48
N TYR B 710 3.76 -3.95 -0.80
CA TYR B 710 4.41 -2.66 -0.99
C TYR B 710 5.89 -2.73 -0.64
N LEU B 711 6.25 -3.58 0.33
CA LEU B 711 7.64 -3.75 0.71
C LEU B 711 8.37 -4.66 -0.28
N HIS B 712 8.30 -4.30 -1.57
CA HIS B 712 8.95 -5.05 -2.65
C HIS B 712 8.53 -6.51 -2.66
N HIS B 758 25.44 4.51 18.92
CA HIS B 758 25.57 3.07 19.01
C HIS B 758 24.61 2.48 20.05
N ARG B 759 23.40 2.13 19.60
CA ARG B 759 22.44 1.53 20.49
C ARG B 759 22.92 0.15 20.94
N PRO B 760 22.60 -0.25 22.16
CA PRO B 760 22.97 -1.60 22.60
C PRO B 760 22.18 -2.68 21.87
N PHE B 761 22.90 -3.60 21.24
CA PHE B 761 22.34 -4.60 20.35
C PHE B 761 22.79 -6.00 20.75
N GLU B 762 22.31 -6.98 19.99
CA GLU B 762 22.62 -8.38 20.21
C GLU B 762 22.40 -9.14 18.90
N LYS B 763 23.26 -10.13 18.66
CA LYS B 763 23.16 -11.00 17.50
C LYS B 763 22.65 -12.35 17.96
N VAL B 764 21.40 -12.67 17.62
CA VAL B 764 20.78 -13.94 17.97
C VAL B 764 21.08 -14.93 16.85
N VAL B 765 21.76 -16.01 17.17
CA VAL B 765 22.18 -17.01 16.19
C VAL B 765 21.45 -18.31 16.49
N ASN B 766 20.72 -18.81 15.49
CA ASN B 766 20.00 -20.09 15.59
C ASN B 766 19.03 -20.10 16.77
N LYS B 767 18.34 -18.98 16.96
CA LYS B 767 17.29 -18.91 17.97
C LYS B 767 16.20 -17.95 17.49
N GLU B 768 15.02 -18.09 18.08
CA GLU B 768 13.89 -17.22 17.79
C GLU B 768 13.41 -16.48 19.03
N SER B 769 14.23 -16.42 20.08
CA SER B 769 13.86 -15.74 21.31
C SER B 769 15.11 -15.27 22.02
N LEU B 770 14.95 -14.19 22.78
CA LEU B 770 16.08 -13.57 23.48
C LEU B 770 15.60 -12.94 24.77
N VAL B 771 16.37 -13.11 25.84
CA VAL B 771 16.06 -12.51 27.13
C VAL B 771 16.97 -11.31 27.33
N ILE B 772 16.37 -10.15 27.58
CA ILE B 772 17.10 -8.92 27.81
C ILE B 772 17.30 -8.76 29.31
N SER B 773 18.56 -8.70 29.72
CA SER B 773 18.95 -8.57 31.12
C SER B 773 19.70 -7.27 31.34
N GLY B 774 19.68 -6.81 32.58
CA GLY B 774 20.34 -5.55 32.92
C GLY B 774 19.58 -4.34 32.42
N LEU B 775 18.35 -4.15 32.90
CA LEU B 775 17.51 -3.05 32.50
C LEU B 775 17.02 -2.29 33.72
N ARG B 776 16.79 -0.99 33.55
CA ARG B 776 16.21 -0.18 34.62
C ARG B 776 14.79 -0.65 34.92
N HIS B 777 14.42 -0.61 36.20
CA HIS B 777 13.12 -1.10 36.61
C HIS B 777 12.01 -0.13 36.21
N PHE B 778 10.95 -0.66 35.61
CA PHE B 778 9.79 0.11 35.18
C PHE B 778 10.18 1.31 34.32
N THR B 779 10.75 1.00 33.16
CA THR B 779 11.05 1.99 32.15
C THR B 779 10.61 1.48 30.79
N GLY B 780 10.38 2.41 29.87
CA GLY B 780 9.94 2.07 28.53
C GLY B 780 11.11 1.76 27.63
N TYR B 781 11.00 0.66 26.89
CA TYR B 781 12.06 0.23 25.99
C TYR B 781 11.50 0.02 24.59
N ARG B 782 12.16 0.60 23.61
CA ARG B 782 11.79 0.43 22.21
C ARG B 782 12.79 -0.53 21.57
N ILE B 783 12.26 -1.62 21.00
CA ILE B 783 13.09 -2.72 20.51
C ILE B 783 12.91 -2.84 19.00
N GLU B 784 14.02 -2.84 18.28
CA GLU B 784 14.03 -2.93 16.83
C GLU B 784 14.66 -4.26 16.42
N LEU B 785 13.97 -5.01 15.59
CA LEU B 785 14.31 -6.39 15.28
C LEU B 785 14.50 -6.56 13.79
N GLN B 786 15.59 -7.22 13.39
CA GLN B 786 15.89 -7.45 11.98
C GLN B 786 16.37 -8.88 11.81
N ALA B 787 16.25 -9.39 10.59
CA ALA B 787 16.79 -10.69 10.21
C ALA B 787 17.83 -10.50 9.13
N CYS B 788 18.94 -11.25 9.21
CA CYS B 788 20.05 -11.07 8.29
C CYS B 788 20.58 -12.42 7.84
N ASN B 789 21.05 -12.46 6.60
CA ASN B 789 21.52 -13.69 5.96
C ASN B 789 22.94 -13.57 5.43
N GLN B 790 23.72 -12.62 5.95
CA GLN B 790 25.11 -12.45 5.56
C GLN B 790 25.79 -11.59 6.62
N ASP B 791 26.91 -12.05 7.16
CA ASP B 791 27.50 -11.45 8.35
C ASP B 791 28.80 -10.70 8.06
N SER B 792 29.82 -11.40 7.56
CA SER B 792 31.12 -10.75 7.40
C SER B 792 31.24 -9.94 6.11
N PRO B 793 30.87 -10.48 4.92
CA PRO B 793 31.12 -9.67 3.71
C PRO B 793 30.03 -8.64 3.43
N ASP B 794 30.15 -7.48 4.08
CA ASP B 794 29.28 -6.34 3.84
C ASP B 794 27.81 -6.70 4.11
N GLU B 795 27.53 -6.91 5.39
CA GLU B 795 26.20 -7.29 5.88
C GLU B 795 25.10 -6.56 5.16
N ARG B 796 24.13 -7.33 4.67
CA ARG B 796 22.97 -6.81 3.96
C ARG B 796 21.75 -7.57 4.45
N CYS B 797 20.72 -6.86 4.91
CA CYS B 797 19.55 -7.55 5.41
C CYS B 797 18.35 -6.61 5.50
N SER B 798 17.34 -7.08 6.22
CA SER B 798 15.96 -6.66 6.03
C SER B 798 15.67 -5.30 6.62
N VAL B 799 14.40 -4.90 6.57
CA VAL B 799 13.91 -3.73 7.26
C VAL B 799 13.49 -4.14 8.67
N ALA B 800 13.37 -3.15 9.55
CA ALA B 800 13.16 -3.43 10.95
C ALA B 800 11.69 -3.61 11.29
N ALA B 801 11.43 -4.46 12.28
CA ALA B 801 10.14 -4.56 12.93
C ALA B 801 10.27 -3.95 14.33
N TYR B 802 9.34 -3.07 14.68
CA TYR B 802 9.44 -2.31 15.91
C TYR B 802 8.43 -2.82 16.92
N VAL B 803 8.89 -3.00 18.16
CA VAL B 803 8.03 -3.39 19.27
C VAL B 803 8.38 -2.51 20.47
N SER B 804 7.47 -2.47 21.44
CA SER B 804 7.66 -1.70 22.65
C SER B 804 7.39 -2.56 23.86
N ALA B 805 8.07 -2.25 24.96
CA ALA B 805 7.92 -3.03 26.17
C ALA B 805 8.16 -2.14 27.38
N ARG B 806 7.77 -2.64 28.54
CA ARG B 806 7.96 -1.90 29.79
C ARG B 806 8.16 -2.92 30.91
N THR B 807 9.31 -2.84 31.57
CA THR B 807 9.62 -3.80 32.62
C THR B 807 8.71 -3.61 33.83
N MET B 808 8.49 -4.71 34.55
CA MET B 808 7.66 -4.64 35.74
C MET B 808 8.38 -3.88 36.85
N PRO B 809 7.64 -3.24 37.75
CA PRO B 809 8.28 -2.42 38.79
C PRO B 809 8.62 -3.20 40.05
N GLU B 810 9.66 -2.75 40.73
CA GLU B 810 9.99 -3.30 42.04
C GLU B 810 8.93 -2.89 43.05
N ALA B 811 8.53 -3.86 43.89
CA ALA B 811 7.44 -3.61 44.82
C ALA B 811 7.81 -2.56 45.85
N LYS B 812 9.03 -2.60 46.38
CA LYS B 812 9.44 -1.72 47.47
C LYS B 812 10.23 -0.52 47.01
N ALA B 813 10.34 -0.30 45.69
CA ALA B 813 11.16 0.81 45.20
C ALA B 813 10.53 2.17 45.44
N ASP B 814 9.23 2.22 45.71
CA ASP B 814 8.54 3.47 45.94
C ASP B 814 8.43 3.85 47.41
N ASP B 815 8.95 3.02 48.31
CA ASP B 815 8.89 3.33 49.74
C ASP B 815 9.71 4.56 50.05
N ILE B 816 9.16 5.41 50.92
CA ILE B 816 9.85 6.62 51.37
C ILE B 816 10.62 6.29 52.64
N VAL B 817 11.92 6.53 52.62
CA VAL B 817 12.78 6.15 53.72
C VAL B 817 12.96 7.33 54.66
N GLY B 818 13.33 7.04 55.90
CA GLY B 818 13.54 8.06 56.90
C GLY B 818 12.25 8.56 57.50
N PRO B 819 12.25 8.79 58.81
CA PRO B 819 11.05 9.31 59.46
C PRO B 819 10.75 10.73 59.01
N VAL B 820 9.46 11.07 59.03
CA VAL B 820 9.00 12.37 58.56
C VAL B 820 9.42 13.44 59.55
N THR B 821 10.43 14.22 59.20
CA THR B 821 10.89 15.29 60.08
C THR B 821 9.85 16.40 60.14
N HIS B 822 9.64 16.93 61.35
CA HIS B 822 8.70 18.02 61.55
C HIS B 822 9.40 19.18 62.25
N GLU B 823 8.95 20.40 61.93
CA GLU B 823 9.40 21.59 62.63
C GLU B 823 8.19 22.47 62.89
N ILE B 824 8.19 23.15 64.04
CA ILE B 824 7.07 24.00 64.43
C ILE B 824 7.58 25.42 64.63
N PHE B 825 6.95 26.37 63.97
CA PHE B 825 7.27 27.77 64.16
C PHE B 825 6.50 28.33 65.37
N GLU B 826 6.86 29.54 65.77
CA GLU B 826 6.25 30.16 66.93
C GLU B 826 4.78 30.49 66.72
N ASN B 827 4.32 30.60 65.47
CA ASN B 827 2.95 30.95 65.16
C ASN B 827 2.11 29.74 64.76
N ASN B 828 2.37 28.58 65.37
CA ASN B 828 1.68 27.33 65.05
C ASN B 828 1.80 27.02 63.56
N VAL B 829 2.96 27.30 62.98
CA VAL B 829 3.27 26.97 61.59
C VAL B 829 4.15 25.74 61.57
N VAL B 830 3.74 24.74 60.79
CA VAL B 830 4.38 23.43 60.80
C VAL B 830 4.98 23.18 59.42
N HIS B 831 6.26 22.84 59.41
CA HIS B 831 7.00 22.53 58.20
C HIS B 831 7.37 21.05 58.23
N LEU B 832 6.97 20.31 57.21
CA LEU B 832 7.19 18.88 57.13
C LEU B 832 8.22 18.57 56.07
N MET B 833 9.30 17.89 56.48
CA MET B 833 10.34 17.41 55.58
C MET B 833 10.26 15.90 55.50
N TRP B 834 10.47 15.37 54.29
CA TRP B 834 10.57 13.93 54.11
C TRP B 834 11.48 13.64 52.93
N GLN B 835 12.30 12.61 53.07
CA GLN B 835 13.27 12.27 52.03
C GLN B 835 12.57 11.84 50.76
N GLU B 836 13.04 12.36 49.63
CA GLU B 836 12.46 11.99 48.35
C GLU B 836 12.82 10.55 48.00
N PRO B 837 11.93 9.84 47.31
CA PRO B 837 12.26 8.48 46.87
C PRO B 837 13.24 8.49 45.71
N LYS B 838 14.54 8.53 46.04
CA LYS B 838 15.63 8.73 45.08
C LYS B 838 15.46 7.96 43.78
N GLU B 839 14.99 6.71 43.86
CA GLU B 839 14.85 5.85 42.69
C GLU B 839 13.42 5.32 42.63
N PRO B 840 12.49 6.10 42.09
CA PRO B 840 11.10 5.64 42.02
C PRO B 840 10.79 4.91 40.72
N ASN B 841 9.56 4.44 40.57
CA ASN B 841 9.12 3.78 39.34
C ASN B 841 8.75 4.86 38.33
N GLY B 842 9.75 5.33 37.59
CA GLY B 842 9.55 6.40 36.62
C GLY B 842 9.61 7.77 37.24
N LEU B 843 8.55 8.17 37.93
CA LEU B 843 8.53 9.46 38.61
C LEU B 843 7.43 9.44 39.67
N ILE B 844 7.49 10.41 40.56
CA ILE B 844 6.53 10.54 41.65
C ILE B 844 5.54 11.64 41.27
N VAL B 845 4.26 11.28 41.15
CA VAL B 845 3.28 12.25 40.67
C VAL B 845 2.80 13.14 41.82
N LEU B 846 2.57 12.57 42.99
CA LEU B 846 2.08 13.37 44.11
C LEU B 846 2.42 12.66 45.42
N TYR B 847 2.43 13.45 46.49
CA TYR B 847 2.62 12.96 47.85
C TYR B 847 1.35 13.20 48.65
N GLU B 848 0.83 12.15 49.27
CA GLU B 848 -0.38 12.25 50.08
C GLU B 848 0.00 12.23 51.55
N VAL B 849 -0.43 13.26 52.28
CA VAL B 849 -0.16 13.40 53.71
C VAL B 849 -1.49 13.26 54.43
N SER B 850 -1.62 12.20 55.23
CA SER B 850 -2.86 11.91 55.96
C SER B 850 -2.56 12.00 57.45
N TYR B 851 -3.31 12.86 58.15
CA TYR B 851 -3.17 12.99 59.59
C TYR B 851 -4.54 13.03 60.25
N ARG B 852 -4.58 12.52 61.49
CA ARG B 852 -5.80 12.47 62.28
C ARG B 852 -5.42 12.38 63.73
N ARG B 853 -5.93 13.31 64.55
CA ARG B 853 -5.59 13.36 65.96
C ARG B 853 -6.37 12.29 66.72
N TYR B 854 -6.30 12.35 68.05
CA TYR B 854 -6.95 11.36 68.91
C TYR B 854 -8.46 11.58 68.89
N GLY B 855 -9.17 10.76 68.11
CA GLY B 855 -10.61 10.79 68.07
C GLY B 855 -11.22 11.53 66.89
N ASP B 856 -10.43 12.32 66.17
CA ASP B 856 -10.94 13.09 65.06
C ASP B 856 -11.11 12.20 63.82
N GLU B 857 -11.66 12.80 62.76
CA GLU B 857 -11.75 12.13 61.47
C GLU B 857 -10.51 12.40 60.65
N GLU B 858 -10.15 11.43 59.80
CA GLU B 858 -8.91 11.51 59.03
C GLU B 858 -8.97 12.66 58.04
N LEU B 859 -7.84 13.37 57.92
CA LEU B 859 -7.70 14.49 57.00
C LEU B 859 -6.56 14.24 56.04
N HIS B 860 -6.83 14.33 54.74
CA HIS B 860 -5.86 14.08 53.69
C HIS B 860 -5.47 15.38 53.00
N LEU B 861 -4.24 15.42 52.51
CA LEU B 861 -3.70 16.59 51.83
C LEU B 861 -2.82 16.14 50.68
N CYS B 862 -2.96 16.81 49.54
CA CYS B 862 -2.16 16.49 48.36
C CYS B 862 -0.99 17.46 48.22
N VAL B 863 0.13 16.94 47.72
CA VAL B 863 1.28 17.76 47.37
C VAL B 863 1.71 17.38 45.96
N SER B 864 1.77 18.35 45.07
CA SER B 864 2.26 18.13 43.72
C SER B 864 3.78 18.26 43.70
N ARG B 865 4.37 17.92 42.55
CA ARG B 865 5.81 18.02 42.41
C ARG B 865 6.28 19.46 42.60
N LYS B 866 5.58 20.40 41.97
CA LYS B 866 5.94 21.81 42.12
C LYS B 866 5.75 22.28 43.56
N HIS B 867 4.68 21.81 44.21
CA HIS B 867 4.46 22.17 45.62
C HIS B 867 5.62 21.70 46.49
N PHE B 868 6.02 20.44 46.34
CA PHE B 868 7.12 19.91 47.13
C PHE B 868 8.43 20.62 46.82
N ALA B 869 8.67 20.94 45.55
CA ALA B 869 9.89 21.66 45.18
C ALA B 869 9.91 23.06 45.78
N LEU B 870 8.76 23.75 45.77
CA LEU B 870 8.71 25.13 46.23
C LEU B 870 8.83 25.21 47.76
N GLU B 871 8.09 24.37 48.47
CA GLU B 871 8.02 24.45 49.92
C GLU B 871 8.98 23.50 50.63
N ARG B 872 9.80 22.75 49.88
CA ARG B 872 10.80 21.85 50.46
C ARG B 872 10.17 20.85 51.42
N GLY B 873 8.89 20.54 51.21
CA GLY B 873 8.14 19.72 52.14
C GLY B 873 6.66 20.06 52.10
N CYS B 874 6.08 20.38 53.26
CA CYS B 874 4.69 20.81 53.28
C CYS B 874 4.48 21.76 54.44
N ARG B 875 3.42 22.57 54.32
CA ARG B 875 3.05 23.55 55.33
C ARG B 875 1.73 23.17 55.98
N LEU B 876 1.61 23.44 57.28
CA LEU B 876 0.39 23.19 58.03
C LEU B 876 0.17 24.33 59.00
N ARG B 877 -1.06 24.83 59.08
CA ARG B 877 -1.33 25.97 59.94
C ARG B 877 -2.82 26.04 60.26
N GLY B 878 -3.13 26.68 61.39
CA GLY B 878 -4.51 26.90 61.80
C GLY B 878 -5.25 25.64 62.17
N LEU B 879 -4.83 24.98 63.25
CA LEU B 879 -5.44 23.74 63.70
C LEU B 879 -5.66 23.77 65.20
N SER B 880 -6.64 22.99 65.65
CA SER B 880 -6.98 22.96 67.06
C SER B 880 -5.88 22.26 67.87
N PRO B 881 -5.75 22.59 69.15
CA PRO B 881 -4.72 21.95 69.97
C PRO B 881 -4.91 20.44 70.06
N GLY B 882 -3.80 19.73 70.12
CA GLY B 882 -3.85 18.28 70.25
C GLY B 882 -2.58 17.64 69.74
N ASN B 883 -2.60 16.31 69.76
CA ASN B 883 -1.50 15.49 69.29
C ASN B 883 -1.90 14.83 67.98
N TYR B 884 -1.15 15.08 66.92
CA TYR B 884 -1.45 14.51 65.62
C TYR B 884 -0.40 13.48 65.22
N SER B 885 -0.86 12.50 64.45
CA SER B 885 -0.01 11.47 63.85
C SER B 885 0.00 11.67 62.34
N VAL B 886 1.18 11.69 61.75
CA VAL B 886 1.37 11.98 60.34
C VAL B 886 1.89 10.72 59.65
N ARG B 887 1.23 10.35 58.56
CA ARG B 887 1.68 9.31 57.65
C ARG B 887 1.76 9.88 56.26
N VAL B 888 2.83 9.58 55.53
CA VAL B 888 3.06 10.11 54.20
C VAL B 888 3.24 8.95 53.23
N ARG B 889 2.53 9.00 52.11
CA ARG B 889 2.63 7.97 51.08
C ARG B 889 2.92 8.64 49.75
N ALA B 890 3.83 8.05 48.98
CA ALA B 890 4.21 8.56 47.68
C ALA B 890 3.51 7.75 46.59
N THR B 891 2.94 8.45 45.61
CA THR B 891 2.25 7.82 44.49
C THR B 891 3.07 7.97 43.23
N SER B 892 3.26 6.87 42.51
CA SER B 892 4.07 6.84 41.30
C SER B 892 3.25 6.23 40.16
N LEU B 893 3.90 6.07 39.02
CA LEU B 893 3.20 5.53 37.85
C LEU B 893 2.75 4.10 38.09
N ALA B 894 3.59 3.27 38.71
CA ALA B 894 3.24 1.88 38.95
C ALA B 894 2.04 1.78 39.87
N GLY B 895 2.02 2.55 40.94
CA GLY B 895 0.93 2.50 41.89
C GLY B 895 1.29 3.23 43.16
N ASN B 896 0.42 3.10 44.15
CA ASN B 896 0.63 3.74 45.44
C ASN B 896 1.75 3.05 46.20
N GLY B 897 2.56 3.85 46.88
CA GLY B 897 3.67 3.32 47.66
C GLY B 897 3.23 2.84 49.02
N SER B 898 4.22 2.56 49.86
CA SER B 898 3.95 2.08 51.21
C SER B 898 3.71 3.24 52.16
N TRP B 899 2.75 3.08 53.07
CA TRP B 899 2.46 4.10 54.05
C TRP B 899 3.62 4.21 55.04
N THR B 900 4.10 5.43 55.25
CA THR B 900 5.16 5.63 56.24
C THR B 900 4.63 5.35 57.63
N GLU B 901 5.53 4.92 58.52
CA GLU B 901 5.15 4.72 59.91
C GLU B 901 4.69 6.05 60.51
N PRO B 902 3.63 6.06 61.30
CA PRO B 902 3.13 7.33 61.84
C PRO B 902 4.16 8.01 62.72
N THR B 903 4.20 9.34 62.63
CA THR B 903 5.03 10.14 63.52
C THR B 903 4.14 11.12 64.29
N TYR B 904 4.37 11.22 65.59
CA TYR B 904 3.53 12.00 66.48
C TYR B 904 4.18 13.33 66.79
N PHE B 905 3.40 14.41 66.69
CA PHE B 905 3.92 15.71 67.11
C PHE B 905 2.84 16.48 67.87
N TYR B 906 3.29 17.40 68.72
CA TYR B 906 2.44 18.18 69.61
C TYR B 906 2.68 19.66 69.34
N VAL B 907 1.65 20.37 68.90
CA VAL B 907 1.79 21.79 68.61
C VAL B 907 1.74 22.59 69.91
N THR B 908 2.38 23.75 69.91
CA THR B 908 2.32 24.64 71.06
C THR B 908 0.96 25.34 71.09
N ASP B 909 0.30 25.29 72.24
CA ASP B 909 -1.04 25.83 72.40
C ASP B 909 -1.08 27.11 73.21
N TYR B 910 0.09 27.69 73.51
CA TYR B 910 0.20 28.93 74.28
C TYR B 910 -0.54 28.83 75.62
N SER C 1 25.04 -4.20 -15.70
CA SER C 1 23.91 -4.96 -15.18
C SER C 1 23.39 -5.94 -16.21
N LEU C 2 22.53 -6.86 -15.78
CA LEU C 2 22.00 -7.88 -16.68
C LEU C 2 21.12 -7.27 -17.76
N GLU C 3 20.30 -6.29 -17.41
CA GLU C 3 19.37 -5.72 -18.38
C GLU C 3 20.11 -5.05 -19.53
N GLU C 4 21.16 -4.30 -19.23
CA GLU C 4 21.92 -3.63 -20.29
C GLU C 4 22.65 -4.65 -21.16
N GLU C 5 23.18 -5.71 -20.56
CA GLU C 5 23.82 -6.76 -21.34
C GLU C 5 22.81 -7.44 -22.26
N TRP C 6 21.60 -7.69 -21.77
CA TRP C 6 20.56 -8.28 -22.59
C TRP C 6 20.17 -7.35 -23.73
N ALA C 7 20.09 -6.04 -23.45
CA ALA C 7 19.78 -5.09 -24.52
C ALA C 7 20.88 -5.08 -25.58
N GLN C 8 22.14 -5.13 -25.15
CA GLN C 8 23.24 -5.17 -26.11
C GLN C 8 23.20 -6.44 -26.95
N ILE C 9 22.91 -7.58 -26.33
CA ILE C 9 22.85 -8.83 -27.08
C ILE C 9 21.66 -8.83 -28.02
N GLU C 10 20.55 -8.19 -27.64
CA GLU C 10 19.41 -8.09 -28.54
C GLU C 10 19.73 -7.17 -29.71
N CYS C 11 20.52 -6.12 -29.47
CA CYS C 11 21.09 -5.33 -30.56
C CYS C 11 21.90 -6.20 -31.49
N GLU C 12 22.73 -7.08 -30.92
CA GLU C 12 23.70 -7.82 -31.73
C GLU C 12 23.01 -8.89 -32.56
N VAL C 13 22.32 -9.83 -31.92
CA VAL C 13 21.90 -11.07 -32.57
C VAL C 13 20.48 -10.98 -33.11
N TYR C 14 19.58 -10.30 -32.40
CA TYR C 14 18.19 -10.19 -32.86
C TYR C 14 17.86 -8.85 -33.50
N GLY C 15 18.64 -7.79 -33.20
CA GLY C 15 18.52 -6.53 -33.90
C GLY C 15 17.30 -5.71 -33.57
N ARG C 16 16.46 -6.16 -32.64
CA ARG C 16 15.25 -5.41 -32.32
C ARG C 16 15.60 -4.06 -31.72
N GLY C 17 14.86 -3.04 -32.13
CA GLY C 17 15.11 -1.68 -31.68
C GLY C 17 16.49 -1.18 -32.09
N CYS C 18 17.26 -0.74 -31.11
CA CYS C 18 18.67 -0.42 -31.30
C CYS C 18 18.86 0.76 -32.25
#